data_7NVP
#
_entry.id   7NVP
#
_cell.length_a   66.096
_cell.length_b   133.334
_cell.length_c   158.912
_cell.angle_alpha   90.000
_cell.angle_beta   90.000
_cell.angle_gamma   90.000
#
_symmetry.space_group_name_H-M   'P 21 21 21'
#
loop_
_entity.id
_entity.type
_entity.pdbx_description
1 polymer 'N(1),N(8)-bis(glutathionyl)spermidine reductase'
2 non-polymer 'FLAVIN-ADENINE DINUCLEOTIDE'
3 non-polymer N-{4-methoxy-3-[(4-methoxyphenyl)sulfamoyl]phenyl}-5-nitrothiophene-2-carboxamide
4 non-polymer GLYCEROL
5 non-polymer 'SULFATE ION'
6 water water
#
_entity_poly.entity_id   1
_entity_poly.type   'polypeptide(L)'
_entity_poly.pdbx_seq_one_letter_code
;HMSKAFDLVVIGAGSGGLEAGWNAATLYGKRVAVVDVQTSHGPPFYAALGGTCVNVGCVPKKLMVTGAQYMDHLRESAGF
GWEFDGSSVKANWKKLIAAKNEAVLDINKSYEGMFNDTEGLDFFLGWGSLESKNVVVVRETADPKSAVKERLQADHILLA
TGSWPQMPAIPGIEHCISSNEAFYLPEPPRRVLTVGGGFISVEFAGIFNAYKPPGGKVTLCYRNNLILRGFDETIREEVT
KQLTANGIEIMTNENPAKVSLNTDGSKHVTFESGKTLDVDVVMMAIGRIPRTNDLQLGNVGVKLTPKGGVQVDEFSRTNV
PNIYAIGDITDRLMLTPVAINEGAALVDTVFGNKPRKTDHTRVASAVFSIPPIGTCGLIEEVAAKEFEKVAVYMSSFTPL
MHNISGSKYKKFVAKIVTNHSDGTVLGVHLLGDGAPEIIQAVGVCLRLNAKISDFYNTIGVHPTSAEELCSMRTPSYYYV
KGEKMEKLPDSNL
;
_entity_poly.pdbx_strand_id   AAA,BBB
#
# COMPACT_ATOMS: atom_id res chain seq x y z
N HIS A 1 42.20 -21.19 -28.85
CA HIS A 1 40.92 -20.44 -29.02
C HIS A 1 39.90 -20.92 -27.97
N MET A 2 40.33 -21.16 -26.71
CA MET A 2 39.46 -21.55 -25.55
C MET A 2 39.89 -20.80 -24.29
N SER A 3 39.00 -20.72 -23.28
CA SER A 3 39.19 -19.96 -22.02
C SER A 3 39.77 -20.84 -20.91
N LYS A 4 40.23 -20.20 -19.84
CA LYS A 4 40.53 -20.89 -18.55
C LYS A 4 39.17 -21.23 -17.92
N ALA A 5 39.03 -22.41 -17.32
CA ALA A 5 37.75 -23.00 -16.85
C ALA A 5 37.05 -22.11 -15.81
N PHE A 6 35.76 -21.83 -16.04
CA PHE A 6 34.81 -21.17 -15.10
C PHE A 6 34.01 -22.23 -14.33
N ASP A 7 33.75 -22.00 -13.05
CA ASP A 7 32.79 -22.79 -12.22
C ASP A 7 31.39 -22.77 -12.85
N LEU A 8 30.95 -21.58 -13.30
CA LEU A 8 29.58 -21.31 -13.81
C LEU A 8 29.66 -20.38 -15.01
N VAL A 9 28.95 -20.72 -16.09
CA VAL A 9 28.76 -19.81 -17.25
C VAL A 9 27.26 -19.54 -17.42
N VAL A 10 26.91 -18.26 -17.39
CA VAL A 10 25.52 -17.74 -17.39
C VAL A 10 25.25 -17.08 -18.74
N ILE A 11 24.27 -17.62 -19.46
CA ILE A 11 23.78 -17.04 -20.75
C ILE A 11 22.50 -16.28 -20.44
N GLY A 12 22.62 -14.96 -20.44
CA GLY A 12 21.57 -14.03 -20.00
C GLY A 12 21.98 -13.36 -18.72
N ALA A 13 22.28 -12.06 -18.79
CA ALA A 13 22.57 -11.18 -17.63
C ALA A 13 21.25 -10.62 -17.09
N GLY A 14 20.27 -11.49 -16.83
CA GLY A 14 18.90 -11.07 -16.50
C GLY A 14 18.75 -10.90 -15.01
N SER A 15 17.51 -10.88 -14.56
CA SER A 15 17.14 -10.90 -13.13
C SER A 15 17.67 -12.17 -12.49
N GLY A 16 17.56 -13.30 -13.21
CA GLY A 16 17.88 -14.67 -12.76
C GLY A 16 19.38 -14.92 -12.90
N GLY A 17 19.94 -14.65 -14.08
CA GLY A 17 21.38 -14.80 -14.40
C GLY A 17 22.31 -14.07 -13.43
N LEU A 18 21.97 -12.84 -13.08
CA LEU A 18 22.82 -11.94 -12.26
C LEU A 18 22.70 -12.37 -10.82
N GLU A 19 21.51 -12.71 -10.35
CA GLU A 19 21.36 -13.26 -8.99
C GLU A 19 22.20 -14.53 -8.88
N ALA A 20 22.12 -15.42 -9.86
CA ALA A 20 22.88 -16.70 -9.84
C ALA A 20 24.38 -16.36 -9.82
N GLY A 21 24.87 -15.63 -10.83
CA GLY A 21 26.25 -15.17 -10.98
C GLY A 21 26.78 -14.49 -9.73
N TRP A 22 26.07 -13.46 -9.24
CA TRP A 22 26.49 -12.65 -8.06
C TRP A 22 26.61 -13.57 -6.84
N ASN A 23 25.61 -14.43 -6.61
CA ASN A 23 25.58 -15.34 -5.42
C ASN A 23 26.73 -16.33 -5.57
N ALA A 24 26.81 -17.03 -6.70
CA ALA A 24 27.92 -17.97 -7.01
C ALA A 24 29.27 -17.30 -6.70
N ALA A 25 29.51 -16.08 -7.20
CA ALA A 25 30.80 -15.39 -7.10
C ALA A 25 31.05 -14.95 -5.65
N THR A 26 30.32 -13.94 -5.18
CA THR A 26 30.59 -13.20 -3.94
C THR A 26 30.31 -14.07 -2.70
N LEU A 27 29.44 -15.09 -2.82
CA LEU A 27 28.90 -15.83 -1.65
C LEU A 27 29.68 -17.13 -1.43
N TYR A 28 29.91 -17.91 -2.48
CA TYR A 28 30.58 -19.22 -2.47
C TYR A 28 31.96 -19.12 -3.13
N GLY A 29 32.42 -17.90 -3.40
CA GLY A 29 33.77 -17.57 -3.91
C GLY A 29 34.08 -18.26 -5.23
N LYS A 30 33.10 -18.45 -6.11
CA LYS A 30 33.29 -19.19 -7.39
C LYS A 30 33.73 -18.24 -8.52
N ARG A 31 34.25 -18.80 -9.62
CA ARG A 31 34.67 -18.04 -10.83
C ARG A 31 33.56 -18.13 -11.88
N VAL A 32 33.08 -16.97 -12.36
CA VAL A 32 31.76 -16.87 -13.05
C VAL A 32 31.86 -16.00 -14.31
N ALA A 33 31.26 -16.51 -15.39
CA ALA A 33 31.11 -15.78 -16.66
C ALA A 33 29.63 -15.51 -16.93
N VAL A 34 29.30 -14.28 -17.28
CA VAL A 34 27.92 -13.87 -17.65
C VAL A 34 28.00 -13.18 -19.00
N VAL A 35 27.05 -13.54 -19.86
CA VAL A 35 26.99 -13.21 -21.31
C VAL A 35 25.65 -12.54 -21.61
N ASP A 36 25.69 -11.32 -22.15
CA ASP A 36 24.51 -10.63 -22.75
C ASP A 36 24.93 -9.84 -24.00
N VAL A 37 23.95 -9.41 -24.79
CA VAL A 37 24.09 -8.95 -26.21
C VAL A 37 24.27 -7.42 -26.26
N GLN A 38 23.92 -6.70 -25.19
CA GLN A 38 24.15 -5.23 -25.08
C GLN A 38 24.58 -4.92 -23.65
N THR A 39 25.16 -3.74 -23.45
CA THR A 39 25.54 -3.16 -22.14
C THR A 39 24.59 -2.03 -21.72
N SER A 40 23.67 -1.61 -22.60
CA SER A 40 22.63 -0.59 -22.27
C SER A 40 21.30 -0.95 -22.93
N HIS A 41 20.21 -0.35 -22.47
CA HIS A 41 18.83 -0.62 -22.97
C HIS A 41 18.66 -0.12 -24.40
N GLY A 42 17.81 -0.77 -25.17
CA GLY A 42 17.26 -0.14 -26.38
C GLY A 42 17.57 -0.91 -27.65
N PRO A 43 17.14 -0.36 -28.83
CA PRO A 43 17.46 -0.96 -30.12
C PRO A 43 18.97 -1.15 -30.26
N PRO A 44 19.43 -2.20 -30.97
CA PRO A 44 18.53 -3.12 -31.70
C PRO A 44 17.90 -4.28 -30.90
N PHE A 45 18.52 -4.79 -29.82
CA PHE A 45 18.10 -6.05 -29.14
C PHE A 45 17.20 -5.77 -27.92
N TYR A 46 17.09 -4.50 -27.50
CA TYR A 46 16.15 -4.02 -26.45
C TYR A 46 16.54 -4.55 -25.08
N ALA A 47 16.41 -5.85 -24.77
CA ALA A 47 16.90 -6.35 -23.47
C ALA A 47 18.43 -6.22 -23.49
N ALA A 48 19.05 -6.19 -22.31
CA ALA A 48 20.49 -5.88 -22.14
C ALA A 48 20.95 -6.28 -20.74
N LEU A 49 22.22 -5.96 -20.42
CA LEU A 49 22.77 -6.13 -19.05
C LEU A 49 21.73 -5.62 -18.04
N GLY A 50 21.23 -6.52 -17.20
CA GLY A 50 20.18 -6.18 -16.21
C GLY A 50 18.88 -6.87 -16.53
N GLY A 51 18.68 -7.32 -17.78
CA GLY A 51 17.59 -8.25 -18.15
C GLY A 51 16.38 -7.52 -18.68
N THR A 52 15.26 -8.20 -18.90
CA THR A 52 14.03 -7.56 -19.49
C THR A 52 13.41 -6.54 -18.51
N CYS A 53 13.37 -6.90 -17.23
CA CYS A 53 12.75 -6.11 -16.14
C CYS A 53 13.38 -4.71 -16.14
N VAL A 54 14.72 -4.65 -16.03
CA VAL A 54 15.49 -3.39 -15.94
C VAL A 54 15.26 -2.54 -17.20
N ASN A 55 15.40 -3.13 -18.39
CA ASN A 55 15.59 -2.36 -19.65
C ASN A 55 14.23 -2.13 -20.34
N VAL A 56 13.34 -3.15 -20.39
CA VAL A 56 12.09 -3.07 -21.23
C VAL A 56 10.95 -3.85 -20.57
N GLY A 57 10.89 -3.79 -19.23
CA GLY A 57 9.91 -4.51 -18.41
C GLY A 57 9.39 -3.68 -17.27
N CYS A 58 9.24 -4.32 -16.10
CA CYS A 58 8.70 -3.75 -14.83
C CYS A 58 9.25 -2.33 -14.57
N VAL A 59 10.56 -2.11 -14.69
CA VAL A 59 11.18 -0.83 -14.22
C VAL A 59 10.65 0.30 -15.10
N PRO A 60 10.96 0.34 -16.39
CA PRO A 60 10.48 1.45 -17.24
C PRO A 60 8.95 1.54 -17.35
N LYS A 61 8.18 0.43 -17.30
CA LYS A 61 6.68 0.45 -17.38
C LYS A 61 6.10 1.13 -16.13
N LYS A 62 6.65 0.83 -14.94
CA LYS A 62 6.24 1.43 -13.64
C LYS A 62 6.41 2.96 -13.79
N LEU A 63 7.63 3.41 -14.07
CA LEU A 63 7.91 4.85 -14.31
C LEU A 63 6.83 5.37 -15.26
N MET A 64 6.52 4.64 -16.32
CA MET A 64 5.55 5.18 -17.32
C MET A 64 4.13 5.15 -16.77
N VAL A 65 3.74 4.14 -15.95
CA VAL A 65 2.33 4.08 -15.46
C VAL A 65 2.15 5.17 -14.42
N THR A 66 3.20 5.40 -13.62
CA THR A 66 3.27 6.55 -12.69
C THR A 66 2.97 7.81 -13.50
N GLY A 67 3.69 8.04 -14.58
CA GLY A 67 3.46 9.20 -15.47
C GLY A 67 1.99 9.28 -15.82
N ALA A 68 1.37 8.16 -16.20
CA ALA A 68 -0.02 8.22 -16.73
C ALA A 68 -1.00 8.53 -15.58
N GLN A 69 -0.58 8.32 -14.33
CA GLN A 69 -1.49 8.53 -13.16
C GLN A 69 -1.74 10.04 -13.00
N TYR A 70 -0.83 10.88 -13.45
CA TYR A 70 -1.00 12.34 -13.27
C TYR A 70 -2.20 12.79 -14.09
N MET A 71 -2.55 12.13 -15.19
CA MET A 71 -3.79 12.50 -15.90
C MET A 71 -4.93 12.48 -14.88
N ASP A 72 -5.07 11.37 -14.14
CA ASP A 72 -6.10 11.20 -13.08
C ASP A 72 -5.90 12.25 -11.95
N HIS A 73 -4.71 12.34 -11.34
CA HIS A 73 -4.41 13.26 -10.20
C HIS A 73 -4.79 14.72 -10.56
N LEU A 74 -4.37 15.19 -11.73
CA LEU A 74 -4.69 16.55 -12.22
C LEU A 74 -6.21 16.74 -12.21
N ARG A 75 -6.97 15.80 -12.75
CA ARG A 75 -8.45 15.90 -12.87
C ARG A 75 -9.10 15.81 -11.49
N GLU A 76 -8.59 14.93 -10.62
CA GLU A 76 -9.27 14.56 -9.36
C GLU A 76 -9.07 15.66 -8.33
N SER A 77 -7.98 16.41 -8.45
CA SER A 77 -7.55 17.46 -7.49
C SER A 77 -8.60 18.58 -7.39
N ALA A 78 -9.48 18.73 -8.39
CA ALA A 78 -10.54 19.78 -8.46
C ALA A 78 -11.52 19.62 -7.29
N GLY A 79 -11.93 18.38 -7.01
CA GLY A 79 -12.85 18.06 -5.90
C GLY A 79 -12.29 18.46 -4.54
N PHE A 80 -10.95 18.45 -4.38
CA PHE A 80 -10.23 18.86 -3.14
C PHE A 80 -9.81 20.32 -3.29
N GLY A 81 -10.40 21.02 -4.28
CA GLY A 81 -10.41 22.48 -4.43
C GLY A 81 -9.16 23.03 -5.07
N TRP A 82 -8.41 22.21 -5.83
CA TRP A 82 -7.26 22.71 -6.60
C TRP A 82 -7.76 23.32 -7.90
N GLU A 83 -7.11 24.40 -8.33
CA GLU A 83 -7.53 25.27 -9.46
C GLU A 83 -6.29 25.54 -10.29
N PHE A 84 -6.39 25.32 -11.60
CA PHE A 84 -5.35 25.71 -12.58
C PHE A 84 -6.03 25.76 -13.95
N ASP A 85 -5.26 26.21 -14.94
CA ASP A 85 -5.69 26.46 -16.33
C ASP A 85 -5.78 25.12 -17.09
N GLY A 86 -6.98 24.52 -17.13
CA GLY A 86 -7.28 23.21 -17.74
C GLY A 86 -6.86 23.10 -19.20
N SER A 87 -6.96 24.19 -19.96
CA SER A 87 -6.53 24.31 -21.38
C SER A 87 -5.00 24.24 -21.50
N SER A 88 -4.26 24.69 -20.48
CA SER A 88 -2.76 24.74 -20.47
C SER A 88 -2.14 23.34 -20.27
N VAL A 89 -2.92 22.32 -19.88
CA VAL A 89 -2.40 20.97 -19.55
C VAL A 89 -1.96 20.29 -20.85
N LYS A 90 -0.69 19.87 -20.93
CA LYS A 90 -0.13 19.05 -22.03
C LYS A 90 0.69 17.89 -21.42
N ALA A 91 0.45 16.67 -21.91
CA ALA A 91 1.24 15.46 -21.60
C ALA A 91 2.42 15.37 -22.57
N ASN A 92 3.65 15.59 -22.12
CA ASN A 92 4.86 15.56 -23.00
C ASN A 92 5.54 14.18 -22.95
N TRP A 93 5.22 13.35 -23.94
CA TRP A 93 5.69 11.94 -24.09
C TRP A 93 7.21 11.93 -24.22
N LYS A 94 7.75 12.91 -24.95
CA LYS A 94 9.21 12.94 -25.24
C LYS A 94 9.94 13.07 -23.89
N LYS A 95 9.38 13.81 -22.93
CA LYS A 95 10.11 14.03 -21.67
C LYS A 95 10.00 12.77 -20.80
N LEU A 96 8.86 12.09 -20.85
CA LEU A 96 8.68 10.81 -20.10
C LEU A 96 9.76 9.83 -20.52
N ILE A 97 9.78 9.47 -21.81
CA ILE A 97 10.72 8.48 -22.42
C ILE A 97 12.16 8.89 -22.04
N ALA A 98 12.50 10.16 -22.25
CA ALA A 98 13.83 10.76 -21.97
C ALA A 98 14.24 10.51 -20.51
N ALA A 99 13.39 10.90 -19.55
CA ALA A 99 13.59 10.67 -18.10
C ALA A 99 13.69 9.16 -17.85
N LYS A 100 12.80 8.38 -18.46
CA LYS A 100 12.81 6.89 -18.33
C LYS A 100 14.17 6.36 -18.79
N ASN A 101 14.73 6.90 -19.88
CA ASN A 101 15.94 6.32 -20.53
C ASN A 101 17.16 6.65 -19.67
N GLU A 102 17.13 7.79 -18.96
CA GLU A 102 18.20 8.29 -18.04
CA GLU A 102 18.28 8.20 -18.11
C GLU A 102 18.27 7.37 -16.82
N ALA A 103 17.09 7.00 -16.34
CA ALA A 103 16.85 6.17 -15.13
C ALA A 103 17.29 4.75 -15.40
N VAL A 104 16.82 4.18 -16.51
CA VAL A 104 17.25 2.82 -16.95
C VAL A 104 18.73 2.87 -17.25
N LEU A 105 19.25 3.92 -17.92
CA LEU A 105 20.69 3.96 -18.27
C LEU A 105 21.54 3.93 -16.97
N ASP A 106 21.14 4.65 -15.94
CA ASP A 106 21.87 4.66 -14.62
C ASP A 106 21.90 3.26 -14.03
N ILE A 107 20.90 2.42 -14.28
CA ILE A 107 20.93 1.01 -13.77
C ILE A 107 21.96 0.23 -14.57
N ASN A 108 21.93 0.38 -15.89
CA ASN A 108 22.84 -0.35 -16.83
C ASN A 108 24.29 -0.20 -16.33
N LYS A 109 24.70 1.05 -16.10
CA LYS A 109 26.07 1.47 -15.75
C LYS A 109 26.46 0.90 -14.39
N SER A 110 25.55 0.84 -13.41
CA SER A 110 25.87 0.32 -12.05
C SER A 110 26.10 -1.20 -12.10
N TYR A 111 25.43 -1.92 -13.00
CA TYR A 111 25.72 -3.36 -13.25
C TYR A 111 27.11 -3.51 -13.85
N GLU A 112 27.44 -2.69 -14.84
CA GLU A 112 28.83 -2.61 -15.37
C GLU A 112 29.80 -2.42 -14.19
N GLY A 113 29.52 -1.50 -13.28
CA GLY A 113 30.33 -1.20 -12.08
C GLY A 113 30.43 -2.40 -11.16
N MET A 114 29.32 -3.09 -10.96
CA MET A 114 29.25 -4.34 -10.15
C MET A 114 30.21 -5.37 -10.75
N PHE A 115 30.23 -5.53 -12.07
CA PHE A 115 31.13 -6.51 -12.75
C PHE A 115 32.58 -6.04 -12.59
N ASN A 116 32.82 -4.74 -12.72
CA ASN A 116 34.18 -4.14 -12.61
C ASN A 116 34.75 -4.41 -11.21
N ASP A 117 33.92 -4.30 -10.17
CA ASP A 117 34.36 -4.27 -8.75
C ASP A 117 34.31 -5.66 -8.10
N THR A 118 33.76 -6.68 -8.77
CA THR A 118 33.53 -8.02 -8.17
C THR A 118 34.55 -9.01 -8.73
N GLU A 119 35.35 -9.58 -7.82
CA GLU A 119 36.39 -10.60 -8.09
C GLU A 119 35.73 -11.89 -8.56
N GLY A 120 36.21 -12.46 -9.66
CA GLY A 120 35.76 -13.76 -10.22
C GLY A 120 34.36 -13.71 -10.83
N LEU A 121 33.84 -12.51 -11.12
CA LEU A 121 32.53 -12.28 -11.80
C LEU A 121 32.79 -11.43 -13.05
N ASP A 122 32.80 -12.08 -14.21
CA ASP A 122 33.36 -11.51 -15.45
C ASP A 122 32.26 -11.51 -16.52
N PHE A 123 32.05 -10.33 -17.12
CA PHE A 123 31.02 -10.06 -18.15
C PHE A 123 31.60 -10.22 -19.55
N PHE A 124 30.79 -10.71 -20.51
CA PHE A 124 31.20 -10.96 -21.91
C PHE A 124 30.06 -10.59 -22.87
N LEU A 125 30.26 -9.51 -23.65
CA LEU A 125 29.33 -9.00 -24.70
C LEU A 125 29.21 -10.01 -25.84
N GLY A 126 27.99 -10.26 -26.31
CA GLY A 126 27.73 -11.04 -27.54
C GLY A 126 26.69 -12.12 -27.33
N TRP A 127 26.54 -13.00 -28.32
CA TRP A 127 25.52 -14.08 -28.31
C TRP A 127 26.14 -15.41 -27.87
N GLY A 128 25.77 -15.89 -26.69
CA GLY A 128 26.17 -17.20 -26.17
C GLY A 128 25.32 -18.29 -26.78
N SER A 129 25.96 -19.40 -27.18
CA SER A 129 25.29 -20.68 -27.57
C SER A 129 26.05 -21.85 -26.95
N LEU A 130 25.43 -23.02 -26.99
CA LEU A 130 26.01 -24.29 -26.48
C LEU A 130 26.77 -24.99 -27.61
N GLU A 131 28.11 -25.03 -27.51
CA GLU A 131 28.99 -25.81 -28.43
C GLU A 131 28.98 -27.27 -27.96
N SER A 132 29.58 -27.57 -26.81
CA SER A 132 29.56 -28.89 -26.14
C SER A 132 28.97 -28.74 -24.72
N LYS A 133 28.86 -29.86 -23.99
CA LYS A 133 28.33 -29.92 -22.61
C LYS A 133 29.24 -29.16 -21.65
N ASN A 134 30.45 -28.76 -22.08
CA ASN A 134 31.41 -28.01 -21.22
C ASN A 134 31.93 -26.74 -21.92
N VAL A 135 31.30 -26.29 -23.01
CA VAL A 135 31.74 -25.10 -23.80
C VAL A 135 30.54 -24.25 -24.23
N VAL A 136 30.61 -22.96 -23.88
CA VAL A 136 29.69 -21.90 -24.39
C VAL A 136 30.53 -21.03 -25.33
N VAL A 137 30.10 -20.90 -26.59
CA VAL A 137 30.79 -20.02 -27.56
C VAL A 137 30.02 -18.71 -27.65
N VAL A 138 30.70 -17.59 -27.43
CA VAL A 138 30.16 -16.22 -27.63
C VAL A 138 30.50 -15.77 -29.05
N ARG A 139 29.48 -15.62 -29.90
CA ARG A 139 29.62 -15.15 -31.30
C ARG A 139 29.29 -13.67 -31.35
N GLU A 140 29.57 -13.04 -32.48
CA GLU A 140 29.31 -11.59 -32.66
C GLU A 140 27.81 -11.41 -32.91
N THR A 141 27.12 -12.39 -33.51
CA THR A 141 25.63 -12.30 -33.65
C THR A 141 24.92 -13.65 -33.45
N ALA A 142 23.58 -13.57 -33.39
CA ALA A 142 22.61 -14.67 -33.26
C ALA A 142 22.85 -15.73 -34.33
N ASP A 143 23.38 -15.31 -35.49
CA ASP A 143 23.78 -16.21 -36.60
C ASP A 143 24.92 -17.10 -36.13
N PRO A 144 24.72 -18.44 -36.13
CA PRO A 144 25.76 -19.36 -35.66
C PRO A 144 26.99 -19.39 -36.58
N LYS A 145 26.85 -18.95 -37.84
CA LYS A 145 27.99 -18.83 -38.79
C LYS A 145 28.75 -17.50 -38.61
N SER A 146 28.60 -16.78 -37.49
CA SER A 146 29.21 -15.42 -37.26
C SER A 146 30.52 -15.54 -36.49
N ALA A 147 31.31 -14.47 -36.50
CA ALA A 147 32.68 -14.39 -35.91
C ALA A 147 32.61 -14.83 -34.45
N VAL A 148 33.53 -15.67 -34.00
CA VAL A 148 33.60 -16.17 -32.60
C VAL A 148 34.37 -15.12 -31.78
N LYS A 149 33.74 -14.56 -30.74
CA LYS A 149 34.36 -13.60 -29.79
C LYS A 149 35.17 -14.36 -28.73
N GLU A 150 34.71 -15.51 -28.26
CA GLU A 150 35.53 -16.43 -27.40
C GLU A 150 34.70 -17.66 -27.02
N ARG A 151 35.40 -18.75 -26.71
CA ARG A 151 34.83 -20.01 -26.15
C ARG A 151 35.07 -19.98 -24.65
N LEU A 152 34.01 -20.23 -23.86
CA LEU A 152 34.10 -20.32 -22.39
C LEU A 152 33.97 -21.79 -22.01
N GLN A 153 35.01 -22.32 -21.34
CA GLN A 153 35.04 -23.63 -20.64
C GLN A 153 34.24 -23.47 -19.34
N ALA A 154 33.38 -24.43 -19.04
CA ALA A 154 32.33 -24.35 -17.99
C ALA A 154 32.21 -25.67 -17.24
N ASP A 155 32.38 -25.67 -15.91
CA ASP A 155 32.00 -26.82 -15.05
C ASP A 155 30.49 -27.03 -15.21
N HIS A 156 29.71 -25.98 -14.90
CA HIS A 156 28.24 -25.94 -15.03
C HIS A 156 27.84 -24.76 -15.94
N ILE A 157 26.69 -24.90 -16.58
CA ILE A 157 26.12 -23.88 -17.51
C ILE A 157 24.68 -23.53 -17.08
N LEU A 158 24.38 -22.23 -17.02
CA LEU A 158 23.03 -21.69 -16.69
C LEU A 158 22.44 -20.94 -17.89
N LEU A 159 21.37 -21.52 -18.46
CA LEU A 159 20.49 -20.87 -19.47
C LEU A 159 19.52 -19.95 -18.75
N ALA A 160 19.54 -18.66 -19.08
CA ALA A 160 18.69 -17.63 -18.47
C ALA A 160 18.49 -16.46 -19.46
N THR A 161 18.04 -16.79 -20.69
CA THR A 161 17.92 -15.86 -21.83
C THR A 161 16.52 -15.21 -21.89
N GLY A 162 15.72 -15.38 -20.85
CA GLY A 162 14.35 -14.85 -20.72
C GLY A 162 13.36 -15.33 -21.78
N SER A 163 12.45 -14.46 -22.18
CA SER A 163 11.36 -14.69 -23.17
C SER A 163 11.36 -13.52 -24.14
N TRP A 164 10.43 -13.49 -25.08
CA TRP A 164 10.43 -12.55 -26.23
C TRP A 164 8.98 -12.39 -26.69
N PRO A 165 8.55 -11.25 -27.24
CA PRO A 165 7.16 -11.04 -27.64
C PRO A 165 6.71 -12.09 -28.66
N GLN A 166 5.55 -12.67 -28.46
CA GLN A 166 4.91 -13.53 -29.50
C GLN A 166 4.20 -12.62 -30.51
N MET A 167 4.53 -12.77 -31.79
CA MET A 167 3.81 -12.11 -32.91
C MET A 167 3.03 -13.16 -33.71
N PRO A 168 1.72 -12.95 -34.01
CA PRO A 168 0.97 -13.92 -34.81
C PRO A 168 1.45 -13.77 -36.26
N ALA A 169 1.62 -14.90 -36.92
CA ALA A 169 1.85 -14.98 -38.39
C ALA A 169 0.56 -14.56 -39.10
N ILE A 170 0.39 -13.27 -39.34
CA ILE A 170 -0.73 -12.73 -40.16
C ILE A 170 -0.12 -11.76 -41.17
N PRO A 171 -0.83 -11.48 -42.27
CA PRO A 171 -0.35 -10.50 -43.25
C PRO A 171 -0.30 -9.09 -42.65
N GLY A 172 0.86 -8.48 -42.69
CA GLY A 172 1.05 -7.10 -42.21
C GLY A 172 1.65 -7.06 -40.81
N ILE A 173 1.95 -8.22 -40.21
CA ILE A 173 2.66 -8.32 -38.89
C ILE A 173 3.87 -7.38 -38.85
N GLU A 174 4.49 -7.11 -40.01
CA GLU A 174 5.68 -6.24 -40.17
C GLU A 174 5.32 -4.82 -39.74
N HIS A 175 4.04 -4.46 -39.88
CA HIS A 175 3.50 -3.10 -39.61
C HIS A 175 3.20 -2.95 -38.11
N CYS A 176 3.21 -4.05 -37.35
CA CYS A 176 2.83 -4.15 -35.92
C CYS A 176 4.07 -4.07 -35.02
N ILE A 177 3.90 -3.72 -33.74
CA ILE A 177 5.04 -3.66 -32.79
C ILE A 177 4.77 -4.55 -31.58
N SER A 178 5.76 -4.63 -30.68
CA SER A 178 5.65 -5.26 -29.35
C SER A 178 5.91 -4.20 -28.27
N SER A 179 5.72 -4.57 -27.01
CA SER A 179 6.18 -3.81 -25.81
C SER A 179 7.57 -3.21 -26.06
N ASN A 180 8.52 -3.96 -26.63
CA ASN A 180 9.93 -3.50 -26.85
C ASN A 180 9.94 -2.16 -27.61
N GLU A 181 9.15 -2.04 -28.69
CA GLU A 181 9.21 -0.86 -29.59
C GLU A 181 8.37 0.25 -28.98
N ALA A 182 7.31 -0.12 -28.26
CA ALA A 182 6.41 0.79 -27.50
C ALA A 182 7.28 1.65 -26.58
N PHE A 183 8.25 1.04 -25.91
CA PHE A 183 9.15 1.77 -24.97
C PHE A 183 9.93 2.88 -25.69
N TYR A 184 10.04 2.91 -27.04
CA TYR A 184 10.87 3.94 -27.76
C TYR A 184 10.10 4.74 -28.81
N LEU A 185 8.76 4.72 -28.83
CA LEU A 185 7.99 5.47 -29.88
C LEU A 185 8.43 6.95 -29.85
N PRO A 186 8.83 7.58 -30.98
CA PRO A 186 9.27 8.98 -30.94
C PRO A 186 8.22 9.99 -30.47
N GLU A 187 6.96 9.72 -30.78
CA GLU A 187 5.83 10.55 -30.31
C GLU A 187 4.74 9.61 -29.79
N PRO A 188 3.79 10.08 -28.94
CA PRO A 188 2.74 9.21 -28.44
C PRO A 188 1.60 9.07 -29.45
N PRO A 189 1.09 7.85 -29.72
CA PRO A 189 0.14 7.61 -30.80
C PRO A 189 -1.26 8.19 -30.54
N ARG A 190 -1.77 8.99 -31.47
CA ARG A 190 -3.16 9.53 -31.42
C ARG A 190 -4.16 8.37 -31.31
N ARG A 191 -3.99 7.36 -32.14
CA ARG A 191 -4.84 6.13 -32.08
C ARG A 191 -3.92 4.93 -31.96
N VAL A 192 -4.27 4.02 -31.08
CA VAL A 192 -3.47 2.80 -30.87
C VAL A 192 -4.43 1.65 -30.58
N LEU A 193 -4.07 0.50 -31.12
CA LEU A 193 -4.65 -0.83 -30.79
C LEU A 193 -3.60 -1.61 -29.99
N THR A 194 -3.93 -2.03 -28.77
CA THR A 194 -3.20 -3.07 -27.99
C THR A 194 -3.91 -4.40 -28.21
N VAL A 195 -3.20 -5.40 -28.70
CA VAL A 195 -3.77 -6.73 -29.03
C VAL A 195 -3.35 -7.67 -27.90
N GLY A 196 -4.32 -8.22 -27.19
CA GLY A 196 -4.06 -9.12 -26.04
C GLY A 196 -4.87 -8.73 -24.83
N GLY A 197 -5.39 -9.73 -24.10
CA GLY A 197 -6.13 -9.50 -22.85
C GLY A 197 -5.24 -9.50 -21.62
N GLY A 198 -3.94 -9.80 -21.74
CA GLY A 198 -3.03 -9.96 -20.57
C GLY A 198 -2.54 -8.65 -19.98
N PHE A 199 -1.61 -8.73 -19.02
CA PHE A 199 -1.21 -7.60 -18.16
C PHE A 199 -0.49 -6.54 -19.00
N ILE A 200 0.33 -6.93 -19.96
CA ILE A 200 1.11 -5.95 -20.78
C ILE A 200 0.12 -5.11 -21.60
N SER A 201 -0.86 -5.74 -22.26
CA SER A 201 -1.88 -5.02 -23.09
C SER A 201 -2.60 -3.98 -22.23
N VAL A 202 -3.16 -4.39 -21.10
CA VAL A 202 -3.87 -3.48 -20.14
C VAL A 202 -3.00 -2.30 -19.65
N GLU A 203 -1.80 -2.59 -19.10
CA GLU A 203 -0.83 -1.58 -18.60
C GLU A 203 -0.54 -0.54 -19.70
N PHE A 204 -0.14 -0.97 -20.90
CA PHE A 204 0.16 -0.06 -22.03
C PHE A 204 -1.11 0.69 -22.47
N ALA A 205 -2.27 0.04 -22.39
CA ALA A 205 -3.54 0.74 -22.70
C ALA A 205 -3.62 1.99 -21.83
N GLY A 206 -3.31 1.90 -20.53
CA GLY A 206 -3.41 3.01 -19.53
C GLY A 206 -2.37 4.10 -19.83
N ILE A 207 -1.19 3.68 -20.28
CA ILE A 207 -0.08 4.63 -20.53
C ILE A 207 -0.44 5.45 -21.78
N PHE A 208 -0.77 4.80 -22.89
CA PHE A 208 -1.16 5.47 -24.15
C PHE A 208 -2.37 6.38 -23.88
N ASN A 209 -3.29 5.94 -23.03
CA ASN A 209 -4.55 6.65 -22.67
C ASN A 209 -4.27 8.00 -21.99
N ALA A 210 -3.23 8.06 -21.14
CA ALA A 210 -2.86 9.29 -20.41
C ALA A 210 -2.10 10.25 -21.31
N TYR A 211 -1.23 9.74 -22.20
CA TYR A 211 -0.29 10.55 -22.99
C TYR A 211 -0.76 10.77 -24.44
N LYS A 212 -1.98 10.38 -24.80
CA LYS A 212 -2.45 10.50 -26.21
C LYS A 212 -2.67 11.98 -26.53
N PRO A 213 -2.33 12.46 -27.76
CA PRO A 213 -2.62 13.84 -28.15
C PRO A 213 -4.12 14.06 -28.25
N PRO A 214 -4.58 15.33 -28.35
CA PRO A 214 -6.00 15.67 -28.39
C PRO A 214 -6.81 14.87 -29.42
N GLY A 215 -8.05 14.55 -29.11
CA GLY A 215 -8.93 13.72 -29.97
C GLY A 215 -8.37 12.32 -30.18
N GLY A 216 -7.40 11.88 -29.38
CA GLY A 216 -6.78 10.55 -29.51
C GLY A 216 -7.70 9.48 -28.95
N LYS A 217 -7.49 8.19 -29.25
CA LYS A 217 -8.34 7.09 -28.71
C LYS A 217 -7.51 5.81 -28.56
N VAL A 218 -7.76 5.04 -27.51
CA VAL A 218 -7.04 3.76 -27.27
C VAL A 218 -8.06 2.64 -27.37
N THR A 219 -7.81 1.67 -28.24
CA THR A 219 -8.62 0.44 -28.31
C THR A 219 -7.74 -0.72 -27.88
N LEU A 220 -8.29 -1.66 -27.12
CA LEU A 220 -7.63 -2.90 -26.71
C LEU A 220 -8.51 -4.05 -27.17
N CYS A 221 -8.00 -5.00 -27.96
CA CYS A 221 -8.84 -6.14 -28.38
C CYS A 221 -8.35 -7.40 -27.68
N TYR A 222 -9.25 -8.35 -27.54
CA TYR A 222 -8.93 -9.67 -26.96
C TYR A 222 -9.85 -10.71 -27.60
N ARG A 223 -9.27 -11.79 -28.13
CA ARG A 223 -9.96 -12.81 -28.96
C ARG A 223 -11.06 -13.50 -28.14
N ASN A 224 -11.07 -13.38 -26.81
CA ASN A 224 -12.08 -14.08 -25.97
C ASN A 224 -12.97 -13.05 -25.26
N ASN A 225 -13.86 -13.53 -24.38
CA ASN A 225 -15.06 -12.81 -23.91
C ASN A 225 -14.74 -11.81 -22.79
N LEU A 226 -13.64 -12.02 -22.05
CA LEU A 226 -13.32 -11.26 -20.83
C LEU A 226 -11.82 -11.20 -20.66
N ILE A 227 -11.26 -10.00 -20.51
CA ILE A 227 -9.78 -9.78 -20.39
C ILE A 227 -9.24 -10.35 -19.08
N LEU A 228 -7.91 -10.53 -19.03
CA LEU A 228 -7.11 -10.95 -17.83
C LEU A 228 -7.52 -12.34 -17.36
N ARG A 229 -7.41 -13.30 -18.27
CA ARG A 229 -7.65 -14.75 -18.00
C ARG A 229 -6.63 -15.18 -16.92
N GLY A 230 -7.04 -15.92 -15.90
CA GLY A 230 -6.12 -16.30 -14.81
C GLY A 230 -6.37 -15.46 -13.56
N PHE A 231 -6.85 -14.23 -13.72
CA PHE A 231 -7.16 -13.34 -12.57
C PHE A 231 -8.60 -13.61 -12.12
N ASP A 232 -8.89 -13.16 -10.89
CA ASP A 232 -10.20 -13.25 -10.22
C ASP A 232 -11.27 -12.59 -11.09
N GLU A 233 -12.40 -13.30 -11.25
CA GLU A 233 -13.42 -13.01 -12.29
C GLU A 233 -14.11 -11.67 -11.97
N THR A 234 -14.42 -11.43 -10.69
CA THR A 234 -15.03 -10.16 -10.25
C THR A 234 -14.12 -9.03 -10.72
N ILE A 235 -12.81 -9.15 -10.42
CA ILE A 235 -11.78 -8.13 -10.75
C ILE A 235 -11.67 -7.98 -12.27
N ARG A 236 -11.70 -9.09 -13.01
CA ARG A 236 -11.67 -9.06 -14.50
C ARG A 236 -12.79 -8.15 -15.00
N GLU A 237 -13.99 -8.30 -14.45
CA GLU A 237 -15.21 -7.57 -14.91
C GLU A 237 -15.08 -6.12 -14.49
N GLU A 238 -14.47 -5.90 -13.33
CA GLU A 238 -14.49 -4.57 -12.68
C GLU A 238 -13.41 -3.69 -13.34
N VAL A 239 -12.27 -4.26 -13.74
CA VAL A 239 -11.18 -3.47 -14.40
C VAL A 239 -11.60 -3.19 -15.85
N THR A 240 -12.41 -4.06 -16.48
CA THR A 240 -13.04 -3.74 -17.80
C THR A 240 -13.84 -2.43 -17.67
N LYS A 241 -14.72 -2.35 -16.68
CA LYS A 241 -15.61 -1.17 -16.43
C LYS A 241 -14.77 0.07 -16.14
N GLN A 242 -13.64 -0.08 -15.43
CA GLN A 242 -12.85 1.08 -14.93
C GLN A 242 -11.92 1.62 -16.02
N LEU A 243 -11.42 0.77 -16.92
CA LEU A 243 -10.70 1.18 -18.15
C LEU A 243 -11.68 1.91 -19.09
N THR A 244 -12.83 1.29 -19.41
CA THR A 244 -13.94 1.91 -20.18
C THR A 244 -14.22 3.31 -19.64
N ALA A 245 -14.50 3.42 -18.34
CA ALA A 245 -14.84 4.66 -17.65
C ALA A 245 -13.80 5.75 -17.93
N ASN A 246 -12.51 5.39 -18.02
CA ASN A 246 -11.41 6.37 -18.19
C ASN A 246 -11.12 6.54 -19.69
N GLY A 247 -11.92 5.95 -20.59
CA GLY A 247 -12.03 6.35 -22.02
C GLY A 247 -11.36 5.38 -22.98
N ILE A 248 -11.08 4.16 -22.51
CA ILE A 248 -10.40 3.08 -23.26
C ILE A 248 -11.52 2.17 -23.78
N GLU A 249 -11.54 1.87 -25.08
CA GLU A 249 -12.52 0.96 -25.71
C GLU A 249 -11.99 -0.47 -25.64
N ILE A 250 -12.71 -1.37 -24.97
CA ILE A 250 -12.43 -2.83 -24.98
C ILE A 250 -13.25 -3.48 -26.12
N MET A 251 -12.59 -4.09 -27.11
CA MET A 251 -13.22 -5.01 -28.10
C MET A 251 -12.91 -6.46 -27.69
N THR A 252 -13.85 -7.15 -27.05
CA THR A 252 -13.73 -8.59 -26.72
C THR A 252 -14.33 -9.39 -27.86
N ASN A 253 -13.89 -10.65 -28.02
CA ASN A 253 -14.27 -11.61 -29.08
C ASN A 253 -13.88 -11.02 -30.43
N GLU A 254 -12.67 -10.46 -30.51
CA GLU A 254 -12.18 -9.75 -31.71
C GLU A 254 -10.69 -10.02 -31.82
N ASN A 255 -10.21 -10.40 -33.00
CA ASN A 255 -8.78 -10.70 -33.24
C ASN A 255 -8.39 -10.23 -34.64
N PRO A 256 -7.27 -9.49 -34.76
CA PRO A 256 -6.73 -9.09 -36.07
C PRO A 256 -6.45 -10.31 -36.96
N ALA A 257 -6.75 -10.18 -38.24
CA ALA A 257 -6.55 -11.19 -39.30
C ALA A 257 -5.44 -10.72 -40.23
N LYS A 258 -5.39 -9.39 -40.46
CA LYS A 258 -4.42 -8.71 -41.35
C LYS A 258 -4.30 -7.26 -40.93
N VAL A 259 -3.13 -6.69 -41.19
CA VAL A 259 -2.86 -5.23 -41.10
C VAL A 259 -2.31 -4.82 -42.46
N SER A 260 -2.73 -3.67 -42.97
CA SER A 260 -2.19 -3.05 -44.21
C SER A 260 -1.97 -1.56 -43.95
N LEU A 261 -0.99 -0.96 -44.61
CA LEU A 261 -0.70 0.49 -44.50
C LEU A 261 -1.68 1.28 -45.37
N ASN A 262 -2.29 2.34 -44.84
CA ASN A 262 -3.08 3.36 -45.59
C ASN A 262 -2.11 4.38 -46.23
N THR A 263 -2.60 5.18 -47.16
CA THR A 263 -1.77 6.09 -48.01
C THR A 263 -1.09 7.18 -47.17
N ASP A 264 -1.55 7.45 -45.96
CA ASP A 264 -0.92 8.39 -45.00
C ASP A 264 0.02 7.65 -44.04
N GLY A 265 0.30 6.38 -44.27
CA GLY A 265 1.23 5.59 -43.45
C GLY A 265 0.57 5.00 -42.21
N SER A 266 -0.69 5.35 -41.93
CA SER A 266 -1.45 4.84 -40.75
C SER A 266 -1.69 3.34 -40.99
N LYS A 267 -2.31 2.64 -40.06
CA LYS A 267 -2.44 1.15 -40.10
C LYS A 267 -3.92 0.78 -40.16
N HIS A 268 -4.35 0.12 -41.25
CA HIS A 268 -5.76 -0.33 -41.47
C HIS A 268 -5.81 -1.81 -41.07
N VAL A 269 -6.70 -2.15 -40.13
CA VAL A 269 -6.73 -3.46 -39.39
C VAL A 269 -8.05 -4.17 -39.71
N THR A 270 -7.97 -5.39 -40.21
CA THR A 270 -9.17 -6.24 -40.44
C THR A 270 -9.21 -7.34 -39.38
N PHE A 271 -10.28 -7.34 -38.58
CA PHE A 271 -10.57 -8.38 -37.57
C PHE A 271 -11.11 -9.62 -38.30
N GLU A 272 -10.91 -10.81 -37.73
CA GLU A 272 -11.52 -12.07 -38.23
C GLU A 272 -13.04 -11.85 -38.43
N SER A 273 -13.65 -10.96 -37.66
CA SER A 273 -15.11 -10.68 -37.74
C SER A 273 -15.47 -9.88 -39.00
N GLY A 274 -14.45 -9.37 -39.72
CA GLY A 274 -14.61 -8.44 -40.86
C GLY A 274 -14.68 -6.98 -40.40
N LYS A 275 -14.86 -6.73 -39.11
CA LYS A 275 -14.70 -5.37 -38.54
C LYS A 275 -13.36 -4.82 -39.00
N THR A 276 -13.27 -3.49 -39.07
CA THR A 276 -12.04 -2.77 -39.47
C THR A 276 -11.80 -1.58 -38.54
N LEU A 277 -10.53 -1.20 -38.40
CA LEU A 277 -10.15 -0.07 -37.55
C LEU A 277 -8.87 0.58 -38.09
N ASP A 278 -8.85 1.91 -38.12
CA ASP A 278 -7.65 2.68 -38.54
C ASP A 278 -7.01 3.20 -37.24
N VAL A 279 -5.73 2.91 -37.01
CA VAL A 279 -4.94 3.37 -35.82
C VAL A 279 -3.54 3.68 -36.30
N ASP A 280 -2.82 4.56 -35.60
CA ASP A 280 -1.39 4.91 -35.87
C ASP A 280 -0.44 3.77 -35.44
N VAL A 281 -0.73 3.04 -34.37
CA VAL A 281 0.16 1.93 -33.87
C VAL A 281 -0.70 0.71 -33.58
N VAL A 282 -0.23 -0.48 -33.97
CA VAL A 282 -0.74 -1.79 -33.44
C VAL A 282 0.36 -2.44 -32.59
N MET A 283 0.13 -2.53 -31.28
CA MET A 283 1.04 -3.18 -30.34
C MET A 283 0.47 -4.58 -30.06
N MET A 284 1.14 -5.60 -30.58
CA MET A 284 0.92 -7.03 -30.18
C MET A 284 1.49 -7.29 -28.78
N ALA A 285 0.64 -7.68 -27.84
CA ALA A 285 0.99 -8.25 -26.53
C ALA A 285 0.11 -9.47 -26.25
N ILE A 286 0.24 -10.52 -27.05
CA ILE A 286 -0.64 -11.73 -27.02
C ILE A 286 0.07 -12.84 -26.28
N GLY A 287 1.38 -12.73 -26.04
CA GLY A 287 2.08 -13.64 -25.08
C GLY A 287 3.58 -13.45 -25.10
N ARG A 288 4.34 -14.27 -24.34
CA ARG A 288 5.82 -14.24 -24.42
C ARG A 288 6.37 -15.67 -24.48
N ILE A 289 7.28 -15.88 -25.41
CA ILE A 289 7.74 -17.25 -25.78
C ILE A 289 9.16 -17.40 -25.26
N PRO A 290 9.50 -18.53 -24.62
CA PRO A 290 10.84 -18.75 -24.09
C PRO A 290 11.92 -18.52 -25.17
N ARG A 291 13.02 -17.87 -24.81
CA ARG A 291 14.04 -17.46 -25.82
C ARG A 291 15.08 -18.59 -25.96
N THR A 292 14.80 -19.60 -26.80
CA THR A 292 15.62 -20.82 -26.97
C THR A 292 16.36 -20.88 -28.32
N ASN A 293 15.88 -20.23 -29.38
CA ASN A 293 16.36 -20.40 -30.79
C ASN A 293 17.85 -20.13 -30.99
N ASP A 294 18.46 -19.22 -30.23
CA ASP A 294 19.84 -18.75 -30.49
C ASP A 294 20.87 -19.55 -29.68
N LEU A 295 20.44 -20.55 -28.91
CA LEU A 295 21.29 -21.30 -27.92
C LEU A 295 21.85 -22.59 -28.55
N GLN A 296 21.24 -23.05 -29.64
CA GLN A 296 21.68 -24.25 -30.38
C GLN A 296 21.68 -25.42 -29.39
N LEU A 297 20.60 -25.57 -28.62
CA LEU A 297 20.41 -26.69 -27.65
C LEU A 297 20.37 -28.01 -28.42
N GLY A 298 20.14 -27.97 -29.73
CA GLY A 298 20.28 -29.12 -30.65
C GLY A 298 21.64 -29.80 -30.52
N ASN A 299 22.70 -29.01 -30.35
CA ASN A 299 24.10 -29.48 -30.21
C ASN A 299 24.24 -30.50 -29.08
N VAL A 300 23.76 -30.18 -27.88
CA VAL A 300 24.01 -31.00 -26.65
C VAL A 300 22.76 -31.78 -26.24
N GLY A 301 21.64 -31.63 -26.97
CA GLY A 301 20.40 -32.41 -26.76
C GLY A 301 19.63 -32.04 -25.49
N VAL A 302 19.62 -30.79 -25.02
CA VAL A 302 18.78 -30.31 -23.88
C VAL A 302 17.30 -30.36 -24.26
N LYS A 303 16.44 -31.01 -23.46
CA LYS A 303 15.01 -31.25 -23.81
C LYS A 303 14.14 -30.01 -23.56
N LEU A 304 13.42 -29.56 -24.58
CA LEU A 304 12.35 -28.53 -24.48
C LEU A 304 11.06 -29.24 -24.12
N THR A 305 10.09 -28.52 -23.56
CA THR A 305 8.74 -29.05 -23.24
C THR A 305 7.90 -28.95 -24.49
N PRO A 306 6.69 -29.55 -24.53
CA PRO A 306 5.77 -29.34 -25.64
C PRO A 306 5.55 -27.84 -25.87
N LYS A 307 5.41 -27.09 -24.77
CA LYS A 307 5.22 -25.61 -24.73
C LYS A 307 6.33 -24.91 -25.54
N GLY A 308 7.60 -25.27 -25.31
CA GLY A 308 8.78 -24.61 -25.93
C GLY A 308 9.82 -24.17 -24.90
N GLY A 309 9.50 -24.31 -23.62
CA GLY A 309 10.43 -23.95 -22.54
C GLY A 309 11.44 -25.05 -22.37
N VAL A 310 12.62 -24.72 -21.86
CA VAL A 310 13.60 -25.74 -21.37
C VAL A 310 12.95 -26.55 -20.24
N GLN A 311 12.76 -27.84 -20.46
CA GLN A 311 12.20 -28.74 -19.43
C GLN A 311 13.18 -28.78 -18.24
N VAL A 312 12.65 -28.66 -17.03
CA VAL A 312 13.47 -28.76 -15.79
C VAL A 312 12.65 -29.46 -14.74
N ASP A 313 13.32 -30.08 -13.78
CA ASP A 313 12.70 -30.65 -12.56
C ASP A 313 12.55 -29.49 -11.55
N GLU A 314 12.28 -29.81 -10.27
CA GLU A 314 12.06 -28.81 -9.21
C GLU A 314 13.35 -28.08 -8.83
N PHE A 315 14.52 -28.49 -9.35
CA PHE A 315 15.81 -27.94 -8.90
C PHE A 315 16.54 -27.28 -10.06
N SER A 316 15.80 -26.99 -11.14
CA SER A 316 16.19 -26.20 -12.33
C SER A 316 17.11 -27.03 -13.25
N ARG A 317 17.19 -28.34 -13.03
CA ARG A 317 18.12 -29.26 -13.76
C ARG A 317 17.51 -29.63 -15.12
N THR A 318 18.25 -29.41 -16.21
CA THR A 318 17.94 -30.00 -17.54
C THR A 318 18.23 -31.51 -17.47
N ASN A 319 18.09 -32.21 -18.59
CA ASN A 319 18.42 -33.66 -18.71
C ASN A 319 19.94 -33.83 -18.84
N VAL A 320 20.69 -32.76 -19.13
CA VAL A 320 22.18 -32.74 -19.22
C VAL A 320 22.78 -32.29 -17.89
N PRO A 321 23.42 -33.21 -17.14
CA PRO A 321 23.73 -33.01 -15.73
C PRO A 321 24.17 -31.63 -15.22
N ASN A 322 25.12 -30.99 -15.90
CA ASN A 322 25.80 -29.77 -15.38
C ASN A 322 25.19 -28.51 -16.04
N ILE A 323 24.05 -28.66 -16.70
CA ILE A 323 23.33 -27.56 -17.41
C ILE A 323 21.97 -27.34 -16.78
N TYR A 324 21.66 -26.08 -16.46
CA TYR A 324 20.44 -25.65 -15.71
C TYR A 324 19.74 -24.52 -16.47
N ALA A 325 18.46 -24.35 -16.14
CA ALA A 325 17.62 -23.28 -16.67
C ALA A 325 16.75 -22.74 -15.54
N ILE A 326 16.74 -21.41 -15.39
CA ILE A 326 15.82 -20.63 -14.51
C ILE A 326 15.15 -19.54 -15.34
N GLY A 327 14.14 -18.89 -14.77
CA GLY A 327 13.59 -17.67 -15.38
C GLY A 327 12.55 -18.00 -16.43
N ASP A 328 12.20 -17.01 -17.27
CA ASP A 328 11.14 -17.12 -18.30
C ASP A 328 11.48 -18.23 -19.31
N ILE A 329 12.76 -18.55 -19.53
CA ILE A 329 13.17 -19.62 -20.48
C ILE A 329 12.56 -20.96 -20.07
N THR A 330 12.22 -21.12 -18.78
CA THR A 330 11.58 -22.34 -18.20
C THR A 330 10.06 -22.20 -18.29
N ASP A 331 9.54 -21.05 -18.72
CA ASP A 331 8.16 -20.91 -19.26
C ASP A 331 7.14 -21.32 -18.21
N ARG A 332 7.36 -20.88 -16.96
CA ARG A 332 6.45 -21.20 -15.83
C ARG A 332 5.83 -19.90 -15.30
N LEU A 333 6.25 -19.37 -14.14
CA LEU A 333 5.82 -18.03 -13.68
C LEU A 333 6.84 -17.00 -14.20
N MET A 334 6.39 -16.11 -15.08
CA MET A 334 7.26 -15.12 -15.79
C MET A 334 7.26 -13.81 -15.03
N LEU A 335 7.86 -13.83 -13.84
CA LEU A 335 8.05 -12.70 -12.92
C LEU A 335 9.54 -12.63 -12.52
N THR A 336 10.02 -11.42 -12.30
CA THR A 336 11.41 -11.12 -11.95
C THR A 336 11.75 -11.75 -10.61
N PRO A 337 10.98 -11.53 -9.50
CA PRO A 337 11.32 -12.05 -8.17
C PRO A 337 11.32 -13.60 -8.15
N VAL A 338 10.59 -14.25 -9.05
CA VAL A 338 10.63 -15.75 -9.24
C VAL A 338 11.92 -16.18 -9.95
N ALA A 339 12.36 -15.54 -11.03
CA ALA A 339 13.70 -15.86 -11.64
C ALA A 339 14.82 -15.65 -10.60
N ILE A 340 14.67 -14.67 -9.72
CA ILE A 340 15.72 -14.30 -8.71
C ILE A 340 15.83 -15.42 -7.67
N ASN A 341 14.68 -16.00 -7.30
CA ASN A 341 14.55 -17.02 -6.23
C ASN A 341 15.07 -18.35 -6.76
N GLU A 342 14.65 -18.72 -7.98
CA GLU A 342 15.22 -19.86 -8.76
C GLU A 342 16.75 -19.75 -8.86
N GLY A 343 17.24 -18.56 -9.26
CA GLY A 343 18.68 -18.28 -9.37
C GLY A 343 19.42 -18.63 -8.08
N ALA A 344 18.93 -18.10 -6.96
CA ALA A 344 19.57 -18.24 -5.63
C ALA A 344 19.50 -19.71 -5.20
N ALA A 345 18.32 -20.32 -5.34
CA ALA A 345 18.08 -21.73 -4.96
C ALA A 345 19.05 -22.62 -5.76
N LEU A 346 19.23 -22.34 -7.04
CA LEU A 346 20.10 -23.19 -7.91
C LEU A 346 21.52 -23.15 -7.35
N VAL A 347 22.07 -21.96 -7.18
CA VAL A 347 23.48 -21.73 -6.76
C VAL A 347 23.74 -22.37 -5.39
N ASP A 348 22.79 -22.27 -4.44
CA ASP A 348 22.90 -22.87 -3.09
C ASP A 348 22.80 -24.40 -3.23
N THR A 349 21.93 -24.91 -4.13
CA THR A 349 21.86 -26.36 -4.48
C THR A 349 23.26 -26.80 -4.92
N VAL A 350 23.78 -26.19 -5.99
CA VAL A 350 24.99 -26.59 -6.75
C VAL A 350 26.25 -26.40 -5.88
N PHE A 351 26.60 -25.16 -5.51
CA PHE A 351 27.88 -24.78 -4.86
C PHE A 351 27.80 -24.78 -3.34
N GLY A 352 26.64 -25.06 -2.73
CA GLY A 352 26.49 -25.16 -1.27
C GLY A 352 26.20 -26.59 -0.83
N ASN A 353 25.98 -27.50 -1.79
CA ASN A 353 25.41 -28.85 -1.55
C ASN A 353 24.39 -28.78 -0.41
N LYS A 354 23.47 -27.81 -0.49
CA LYS A 354 22.28 -27.63 0.40
C LYS A 354 21.05 -27.53 -0.50
N PRO A 355 20.58 -28.64 -1.08
CA PRO A 355 19.59 -28.59 -2.17
C PRO A 355 18.32 -27.84 -1.75
N ARG A 356 18.07 -26.69 -2.39
CA ARG A 356 16.88 -25.82 -2.15
C ARG A 356 16.11 -25.68 -3.47
N LYS A 357 14.80 -25.59 -3.39
CA LYS A 357 13.94 -25.39 -4.58
C LYS A 357 12.96 -24.21 -4.35
N THR A 358 12.69 -23.45 -5.41
CA THR A 358 11.67 -22.36 -5.42
C THR A 358 10.28 -22.96 -5.18
N ASP A 359 9.49 -22.30 -4.32
CA ASP A 359 8.04 -22.55 -4.14
C ASP A 359 7.28 -21.67 -5.12
N HIS A 360 6.66 -22.29 -6.12
CA HIS A 360 5.95 -21.58 -7.22
C HIS A 360 4.48 -21.35 -6.84
N THR A 361 4.01 -21.92 -5.74
CA THR A 361 2.66 -21.65 -5.20
C THR A 361 2.66 -20.39 -4.31
N ARG A 362 1.53 -19.69 -4.25
CA ARG A 362 1.26 -18.56 -3.33
C ARG A 362 2.28 -17.43 -3.56
N VAL A 363 2.68 -17.24 -4.79
CA VAL A 363 3.53 -16.11 -5.22
C VAL A 363 2.61 -14.90 -5.35
N ALA A 364 2.94 -13.85 -4.63
CA ALA A 364 2.30 -12.52 -4.78
C ALA A 364 2.74 -11.95 -6.13
N SER A 365 1.79 -11.32 -6.83
CA SER A 365 2.01 -10.62 -8.13
C SER A 365 1.03 -9.45 -8.21
N ALA A 366 1.23 -8.58 -9.19
CA ALA A 366 0.49 -7.31 -9.33
C ALA A 366 0.26 -6.99 -10.80
N VAL A 367 -0.70 -6.11 -11.07
CA VAL A 367 -0.88 -5.51 -12.41
C VAL A 367 -0.93 -4.00 -12.19
N PHE A 368 -0.10 -3.22 -12.90
CA PHE A 368 -0.02 -1.75 -12.72
C PHE A 368 -0.94 -1.09 -13.74
N SER A 369 -2.12 -1.69 -13.88
CA SER A 369 -3.31 -1.05 -14.50
C SER A 369 -3.73 0.16 -13.65
N ILE A 370 -4.61 0.99 -14.22
CA ILE A 370 -5.25 2.14 -13.54
C ILE A 370 -6.74 1.83 -13.53
N PRO A 371 -7.34 1.46 -12.37
CA PRO A 371 -6.62 1.26 -11.10
C PRO A 371 -5.96 -0.12 -11.06
N PRO A 372 -4.99 -0.38 -10.12
CA PRO A 372 -4.18 -1.59 -10.16
C PRO A 372 -4.75 -2.85 -9.47
N ILE A 373 -4.06 -3.97 -9.67
CA ILE A 373 -4.41 -5.31 -9.15
C ILE A 373 -3.23 -5.82 -8.33
N GLY A 374 -3.54 -6.43 -7.19
CA GLY A 374 -2.57 -7.19 -6.38
C GLY A 374 -3.20 -8.50 -6.01
N THR A 375 -2.61 -9.64 -6.40
CA THR A 375 -3.21 -10.97 -6.12
C THR A 375 -2.16 -11.91 -5.56
N CYS A 376 -2.61 -12.93 -4.82
CA CYS A 376 -1.72 -14.00 -4.29
C CYS A 376 -2.53 -15.28 -4.11
N GLY A 377 -2.18 -16.37 -4.79
CA GLY A 377 -2.83 -17.70 -4.62
C GLY A 377 -4.06 -17.88 -5.52
N LEU A 378 -4.87 -18.89 -5.19
CA LEU A 378 -5.89 -19.48 -6.09
C LEU A 378 -7.07 -18.56 -6.30
N ILE A 379 -7.57 -18.51 -7.53
CA ILE A 379 -8.94 -18.00 -7.85
C ILE A 379 -9.94 -19.07 -7.44
N GLU A 380 -11.15 -18.62 -7.14
CA GLU A 380 -12.22 -19.45 -6.56
C GLU A 380 -12.55 -20.64 -7.47
N GLU A 381 -12.40 -20.50 -8.80
CA GLU A 381 -12.69 -21.56 -9.80
C GLU A 381 -11.69 -22.70 -9.68
N VAL A 382 -10.39 -22.39 -9.58
CA VAL A 382 -9.31 -23.38 -9.40
C VAL A 382 -9.43 -24.02 -8.00
N ALA A 383 -9.74 -23.23 -6.99
CA ALA A 383 -9.97 -23.70 -5.60
C ALA A 383 -11.13 -24.69 -5.57
N ALA A 384 -12.25 -24.36 -6.22
CA ALA A 384 -13.52 -25.12 -6.27
C ALA A 384 -13.29 -26.53 -6.83
N LYS A 385 -12.33 -26.69 -7.75
CA LYS A 385 -11.96 -28.00 -8.35
C LYS A 385 -11.12 -28.79 -7.34
N GLU A 386 -10.18 -28.14 -6.64
CA GLU A 386 -9.18 -28.81 -5.75
C GLU A 386 -9.77 -29.12 -4.37
N PHE A 387 -10.73 -28.33 -3.87
CA PHE A 387 -11.22 -28.41 -2.47
C PHE A 387 -12.74 -28.69 -2.49
N GLU A 388 -13.21 -29.57 -1.59
CA GLU A 388 -14.61 -30.10 -1.55
C GLU A 388 -15.59 -28.96 -1.18
N LYS A 389 -15.26 -28.12 -0.20
CA LYS A 389 -16.05 -26.92 0.17
C LYS A 389 -15.16 -25.68 0.21
N VAL A 390 -15.50 -24.67 -0.58
CA VAL A 390 -14.75 -23.38 -0.68
C VAL A 390 -15.70 -22.25 -0.29
N ALA A 391 -15.28 -21.39 0.62
CA ALA A 391 -15.97 -20.13 0.98
C ALA A 391 -15.32 -18.98 0.22
N VAL A 392 -16.10 -17.97 -0.12
CA VAL A 392 -15.61 -16.74 -0.80
C VAL A 392 -16.13 -15.57 0.01
N TYR A 393 -15.23 -14.73 0.51
CA TYR A 393 -15.51 -13.46 1.21
C TYR A 393 -15.30 -12.35 0.19
N MET A 394 -16.23 -11.41 0.11
CA MET A 394 -16.14 -10.37 -0.94
C MET A 394 -16.65 -9.05 -0.37
N SER A 395 -15.98 -7.97 -0.75
CA SER A 395 -16.33 -6.60 -0.33
C SER A 395 -15.94 -5.63 -1.44
N SER A 396 -16.87 -4.80 -1.83
CA SER A 396 -16.71 -3.74 -2.84
C SER A 396 -17.18 -2.44 -2.21
N PHE A 397 -16.36 -1.39 -2.26
CA PHE A 397 -16.68 -0.06 -1.69
CA PHE A 397 -16.62 -0.07 -1.64
C PHE A 397 -15.94 1.00 -2.50
N THR A 398 -16.47 2.22 -2.49
CA THR A 398 -15.82 3.39 -3.12
C THR A 398 -15.04 4.11 -2.04
N PRO A 399 -13.69 4.10 -2.08
CA PRO A 399 -12.92 4.85 -1.10
C PRO A 399 -13.56 6.25 -1.05
N LEU A 400 -13.73 6.79 0.15
CA LEU A 400 -14.54 8.01 0.38
C LEU A 400 -14.01 9.09 -0.56
N MET A 401 -12.68 9.19 -0.67
CA MET A 401 -11.95 10.23 -1.47
C MET A 401 -12.47 10.23 -2.90
N HIS A 402 -12.99 9.10 -3.39
CA HIS A 402 -13.39 8.95 -4.82
C HIS A 402 -14.86 9.30 -4.99
N ASN A 403 -15.55 9.76 -3.95
CA ASN A 403 -16.81 10.54 -4.06
C ASN A 403 -16.42 11.95 -4.51
N ILE A 404 -15.67 12.62 -3.64
CA ILE A 404 -15.17 14.03 -3.77
C ILE A 404 -14.38 14.20 -5.08
N SER A 405 -13.53 13.25 -5.44
CA SER A 405 -12.60 13.39 -6.61
C SER A 405 -13.40 13.47 -7.92
N GLY A 406 -14.57 12.84 -7.98
CA GLY A 406 -15.38 12.75 -9.20
C GLY A 406 -15.07 11.51 -10.02
N SER A 407 -14.11 10.69 -9.55
CA SER A 407 -13.82 9.32 -10.07
C SER A 407 -14.69 8.30 -9.30
N LYS A 408 -16.01 8.41 -9.39
CA LYS A 408 -16.93 7.64 -8.51
C LYS A 408 -16.90 6.16 -8.92
N TYR A 409 -16.50 5.87 -10.15
CA TYR A 409 -16.38 4.49 -10.72
C TYR A 409 -15.24 3.69 -10.05
N LYS A 410 -14.28 4.37 -9.39
CA LYS A 410 -13.06 3.70 -8.83
C LYS A 410 -13.44 2.83 -7.61
N LYS A 411 -14.18 1.76 -7.85
CA LYS A 411 -14.56 0.81 -6.76
C LYS A 411 -13.32 0.02 -6.36
N PHE A 412 -13.06 -0.08 -5.05
CA PHE A 412 -12.04 -1.00 -4.45
C PHE A 412 -12.69 -2.37 -4.16
N VAL A 413 -12.12 -3.47 -4.66
CA VAL A 413 -12.65 -4.86 -4.46
C VAL A 413 -11.63 -5.68 -3.64
N ALA A 414 -12.16 -6.47 -2.71
CA ALA A 414 -11.38 -7.42 -1.87
C ALA A 414 -12.07 -8.78 -1.87
N LYS A 415 -11.33 -9.83 -2.20
CA LYS A 415 -11.87 -11.21 -2.21
C LYS A 415 -10.88 -12.11 -1.49
N ILE A 416 -11.39 -12.88 -0.53
CA ILE A 416 -10.62 -13.99 0.12
C ILE A 416 -11.35 -15.28 -0.20
N VAL A 417 -10.63 -16.23 -0.80
CA VAL A 417 -11.04 -17.62 -1.09
C VAL A 417 -10.44 -18.51 0.00
N THR A 418 -11.28 -19.23 0.73
CA THR A 418 -10.81 -20.12 1.84
C THR A 418 -11.20 -21.56 1.55
N ASN A 419 -10.45 -22.49 2.13
CA ASN A 419 -10.85 -23.90 2.35
C ASN A 419 -11.81 -23.87 3.54
N HIS A 420 -13.10 -24.04 3.29
CA HIS A 420 -14.14 -23.85 4.35
C HIS A 420 -13.97 -24.86 5.50
N SER A 421 -13.33 -25.99 5.27
CA SER A 421 -13.12 -27.05 6.31
C SER A 421 -12.35 -26.49 7.50
N ASP A 422 -11.21 -25.84 7.26
CA ASP A 422 -10.31 -25.36 8.34
C ASP A 422 -10.17 -23.82 8.29
N GLY A 423 -10.89 -23.17 7.37
CA GLY A 423 -10.81 -21.71 7.14
C GLY A 423 -9.44 -21.26 6.63
N THR A 424 -8.64 -22.15 6.04
CA THR A 424 -7.28 -21.84 5.51
C THR A 424 -7.45 -20.96 4.26
N VAL A 425 -6.86 -19.76 4.31
CA VAL A 425 -6.95 -18.78 3.18
C VAL A 425 -6.14 -19.35 2.02
N LEU A 426 -6.83 -19.66 0.92
CA LEU A 426 -6.24 -20.20 -0.32
C LEU A 426 -5.80 -19.07 -1.25
N GLY A 427 -6.43 -17.90 -1.19
CA GLY A 427 -6.15 -16.80 -2.13
C GLY A 427 -6.78 -15.48 -1.73
N VAL A 428 -6.19 -14.36 -2.17
CA VAL A 428 -6.55 -12.97 -1.79
C VAL A 428 -6.41 -12.13 -3.06
N HIS A 429 -7.48 -11.47 -3.52
CA HIS A 429 -7.48 -10.78 -4.84
C HIS A 429 -8.01 -9.37 -4.63
N LEU A 430 -7.24 -8.35 -5.06
CA LEU A 430 -7.44 -6.91 -4.74
C LEU A 430 -7.42 -6.09 -6.04
N LEU A 431 -8.35 -5.13 -6.13
CA LEU A 431 -8.42 -4.12 -7.21
C LEU A 431 -8.56 -2.73 -6.55
N GLY A 432 -7.61 -1.83 -6.78
CA GLY A 432 -7.74 -0.41 -6.38
C GLY A 432 -6.42 0.13 -5.86
N ASP A 433 -6.31 1.45 -5.75
CA ASP A 433 -5.06 2.16 -5.39
C ASP A 433 -4.43 1.44 -4.20
N GLY A 434 -3.17 1.07 -4.30
CA GLY A 434 -2.42 0.50 -3.18
C GLY A 434 -2.39 -1.03 -3.21
N ALA A 435 -3.25 -1.69 -4.00
CA ALA A 435 -3.34 -3.18 -4.13
C ALA A 435 -1.98 -3.87 -4.28
N PRO A 436 -1.05 -3.37 -5.12
CA PRO A 436 0.24 -4.04 -5.32
C PRO A 436 1.05 -4.00 -4.02
N GLU A 437 0.89 -2.95 -3.20
CA GLU A 437 1.57 -2.73 -1.88
C GLU A 437 0.85 -3.49 -0.76
N ILE A 438 -0.47 -3.55 -0.80
CA ILE A 438 -1.23 -4.34 0.23
C ILE A 438 -0.83 -5.80 0.15
N ILE A 439 -0.66 -6.38 -1.04
CA ILE A 439 -0.65 -7.87 -1.25
C ILE A 439 0.70 -8.48 -0.82
N GLN A 440 1.76 -7.69 -0.71
CA GLN A 440 3.14 -8.20 -0.43
C GLN A 440 3.06 -9.03 0.86
N ALA A 441 2.72 -8.37 1.96
CA ALA A 441 2.68 -8.96 3.31
C ALA A 441 1.58 -10.04 3.41
N VAL A 442 0.51 -9.99 2.57
CA VAL A 442 -0.50 -11.09 2.44
C VAL A 442 0.28 -12.35 2.00
N GLY A 443 1.23 -12.18 1.08
CA GLY A 443 2.15 -13.22 0.64
C GLY A 443 2.72 -13.97 1.83
N VAL A 444 3.18 -13.26 2.86
CA VAL A 444 3.80 -13.89 4.07
C VAL A 444 2.71 -14.58 4.87
N CYS A 445 1.52 -13.98 4.94
CA CYS A 445 0.37 -14.59 5.66
C CYS A 445 0.09 -15.95 5.05
N LEU A 446 0.01 -16.03 3.72
CA LEU A 446 -0.27 -17.32 3.06
C LEU A 446 0.87 -18.31 3.29
N ARG A 447 2.12 -17.83 3.30
CA ARG A 447 3.29 -18.65 3.69
C ARG A 447 3.05 -19.27 5.06
N LEU A 448 2.46 -18.52 5.98
CA LEU A 448 2.23 -18.97 7.39
C LEU A 448 0.90 -19.71 7.53
N ASN A 449 0.24 -20.07 6.43
CA ASN A 449 -1.02 -20.85 6.43
C ASN A 449 -2.05 -20.13 7.27
N ALA A 450 -2.13 -18.82 7.10
CA ALA A 450 -3.17 -17.98 7.75
C ALA A 450 -4.56 -18.55 7.44
N LYS A 451 -5.46 -18.46 8.43
CA LYS A 451 -6.92 -18.72 8.33
C LYS A 451 -7.68 -17.39 8.27
N ILE A 452 -8.91 -17.43 7.77
CA ILE A 452 -9.78 -16.22 7.62
C ILE A 452 -9.90 -15.55 8.99
N SER A 453 -9.93 -16.35 10.06
CA SER A 453 -10.06 -15.87 11.46
C SER A 453 -8.83 -15.06 11.89
N ASP A 454 -7.65 -15.37 11.36
CA ASP A 454 -6.41 -14.60 11.67
C ASP A 454 -6.52 -13.20 11.03
N PHE A 455 -7.26 -13.08 9.95
CA PHE A 455 -7.46 -11.78 9.25
C PHE A 455 -8.46 -10.97 10.10
N TYR A 456 -9.67 -11.51 10.30
CA TYR A 456 -10.78 -10.76 10.93
C TYR A 456 -10.51 -10.61 12.44
N ASN A 457 -9.52 -11.27 13.04
CA ASN A 457 -9.16 -10.99 14.45
C ASN A 457 -7.93 -10.09 14.56
N THR A 458 -7.40 -9.61 13.43
CA THR A 458 -6.40 -8.51 13.43
C THR A 458 -7.12 -7.15 13.43
N ILE A 459 -6.64 -6.22 14.22
CA ILE A 459 -7.31 -4.89 14.36
C ILE A 459 -6.88 -4.04 13.15
N GLY A 460 -7.86 -3.60 12.34
CA GLY A 460 -7.66 -2.76 11.16
C GLY A 460 -6.79 -1.53 11.43
N VAL A 461 -6.21 -0.96 10.37
CA VAL A 461 -5.61 0.41 10.37
C VAL A 461 -6.61 1.33 9.69
N HIS A 462 -6.94 2.50 10.28
CA HIS A 462 -8.08 3.34 9.85
C HIS A 462 -7.61 4.77 9.66
N PRO A 463 -7.98 5.43 8.54
CA PRO A 463 -8.67 4.80 7.41
C PRO A 463 -7.73 4.32 6.29
N THR A 464 -7.86 3.05 5.87
CA THR A 464 -7.12 2.42 4.75
C THR A 464 -8.06 1.50 4.00
N SER A 465 -7.74 1.12 2.76
CA SER A 465 -8.47 0.11 1.95
C SER A 465 -8.06 -1.28 2.45
N ALA A 466 -6.85 -1.37 2.98
CA ALA A 466 -6.27 -2.63 3.49
C ALA A 466 -7.08 -3.21 4.65
N GLU A 467 -7.73 -2.38 5.48
N GLU A 467 -7.70 -2.37 5.49
CA GLU A 467 -8.45 -2.86 6.69
CA GLU A 467 -8.49 -2.80 6.66
C GLU A 467 -9.74 -3.59 6.28
C GLU A 467 -9.57 -3.77 6.18
N GLU A 468 -10.15 -3.54 4.99
CA GLU A 468 -11.33 -4.30 4.50
C GLU A 468 -11.04 -5.80 4.59
N LEU A 469 -9.78 -6.20 4.38
CA LEU A 469 -9.31 -7.59 4.49
C LEU A 469 -9.52 -8.16 5.91
N CYS A 470 -9.61 -7.29 6.92
CA CYS A 470 -9.76 -7.68 8.34
C CYS A 470 -11.21 -7.49 8.78
N SER A 471 -12.12 -7.13 7.86
CA SER A 471 -13.53 -6.71 8.11
C SER A 471 -14.54 -7.70 7.49
N MET A 472 -14.10 -8.88 7.07
CA MET A 472 -14.97 -9.88 6.42
C MET A 472 -14.94 -11.18 7.23
N ARG A 473 -16.08 -11.50 7.86
CA ARG A 473 -16.25 -12.62 8.83
C ARG A 473 -17.24 -13.66 8.30
N THR A 474 -18.21 -13.25 7.49
CA THR A 474 -19.26 -14.13 6.90
C THR A 474 -18.94 -14.41 5.44
N PRO A 475 -18.90 -15.69 4.99
CA PRO A 475 -18.84 -15.98 3.57
C PRO A 475 -20.01 -15.35 2.82
N SER A 476 -19.72 -14.85 1.61
CA SER A 476 -20.70 -14.25 0.67
C SER A 476 -21.42 -15.37 -0.07
N TYR A 477 -20.66 -16.35 -0.58
CA TYR A 477 -21.16 -17.59 -1.21
C TYR A 477 -20.10 -18.70 -1.11
N TYR A 478 -20.45 -19.89 -1.56
CA TYR A 478 -19.63 -21.12 -1.38
C TYR A 478 -19.57 -21.91 -2.68
N TYR A 479 -18.59 -22.79 -2.77
CA TYR A 479 -18.48 -23.82 -3.83
C TYR A 479 -18.43 -25.19 -3.15
N VAL A 480 -19.52 -25.95 -3.26
CA VAL A 480 -19.63 -27.33 -2.71
C VAL A 480 -19.45 -28.30 -3.89
N LYS A 481 -18.37 -29.10 -3.79
CA LYS A 481 -17.92 -30.06 -4.84
CA LYS A 481 -17.85 -30.03 -4.84
C LYS A 481 -18.03 -29.41 -6.23
N GLY A 482 -17.59 -28.15 -6.37
CA GLY A 482 -17.55 -27.43 -7.66
C GLY A 482 -18.77 -26.55 -7.90
N GLU A 483 -19.89 -26.82 -7.24
CA GLU A 483 -21.18 -26.15 -7.52
C GLU A 483 -21.32 -24.92 -6.63
N LYS A 484 -21.73 -23.79 -7.20
CA LYS A 484 -21.88 -22.49 -6.48
C LYS A 484 -23.20 -22.50 -5.69
N MET A 485 -23.29 -21.66 -4.66
CA MET A 485 -24.53 -21.43 -3.86
C MET A 485 -24.26 -20.34 -2.80
N GLU A 486 -25.30 -19.62 -2.39
CA GLU A 486 -25.24 -18.53 -1.37
C GLU A 486 -24.99 -19.11 0.02
N LYS A 487 -25.63 -20.26 0.33
CA LYS A 487 -25.65 -20.91 1.66
C LYS A 487 -25.27 -22.39 1.54
N LEU A 488 -24.77 -22.99 2.63
CA LEU A 488 -24.41 -24.42 2.67
C LEU A 488 -25.67 -25.24 2.84
N PRO A 489 -25.78 -26.45 2.23
CA PRO A 489 -26.96 -27.29 2.40
C PRO A 489 -27.03 -28.00 3.77
N ASP A 490 -28.16 -27.90 4.47
CA ASP A 490 -28.40 -28.55 5.80
C ASP A 490 -28.82 -30.00 5.58
N MET B 2 -38.83 8.01 34.44
CA MET B 2 -37.76 6.96 34.38
C MET B 2 -38.19 5.89 33.36
N SER B 3 -37.42 5.77 32.26
CA SER B 3 -37.68 4.87 31.11
C SER B 3 -37.81 3.41 31.58
N LYS B 4 -38.38 2.54 30.74
CA LYS B 4 -38.41 1.07 30.97
C LYS B 4 -36.96 0.56 30.97
N ALA B 5 -36.74 -0.71 31.31
CA ALA B 5 -35.42 -1.33 31.53
C ALA B 5 -34.67 -1.44 30.19
N PHE B 6 -33.62 -0.62 29.97
CA PHE B 6 -32.64 -0.85 28.87
C PHE B 6 -31.60 -1.87 29.37
N ASP B 7 -31.32 -2.88 28.54
CA ASP B 7 -30.23 -3.87 28.74
C ASP B 7 -28.88 -3.17 28.84
N LEU B 8 -28.65 -2.15 28.01
CA LEU B 8 -27.38 -1.39 27.92
C LEU B 8 -27.67 0.08 27.65
N VAL B 9 -27.01 0.98 28.36
CA VAL B 9 -27.03 2.44 28.08
C VAL B 9 -25.60 2.88 27.78
N VAL B 10 -25.41 3.52 26.62
CA VAL B 10 -24.09 3.90 26.07
C VAL B 10 -23.97 5.42 26.03
N ILE B 11 -23.05 5.98 26.80
CA ILE B 11 -22.80 7.44 26.85
C ILE B 11 -21.61 7.73 25.93
N GLY B 12 -21.88 8.23 24.73
CA GLY B 12 -20.91 8.41 23.65
C GLY B 12 -21.28 7.56 22.45
N ALA B 13 -21.80 8.19 21.40
CA ALA B 13 -22.16 7.52 20.13
C ALA B 13 -20.91 7.45 19.25
N GLY B 14 -19.78 6.98 19.79
CA GLY B 14 -18.48 7.04 19.13
C GLY B 14 -18.17 5.73 18.41
N SER B 15 -16.91 5.54 18.02
CA SER B 15 -16.44 4.32 17.32
C SER B 15 -16.76 3.13 18.22
N GLY B 16 -16.49 3.26 19.53
CA GLY B 16 -16.72 2.20 20.53
C GLY B 16 -18.20 2.02 20.86
N GLY B 17 -18.85 3.09 21.30
CA GLY B 17 -20.27 3.12 21.66
C GLY B 17 -21.14 2.43 20.62
N LEU B 18 -20.98 2.85 19.37
CA LEU B 18 -21.90 2.43 18.26
C LEU B 18 -21.66 0.97 17.93
N GLU B 19 -20.41 0.51 17.99
CA GLU B 19 -20.08 -0.93 17.81
C GLU B 19 -20.79 -1.72 18.92
N ALA B 20 -20.54 -1.35 20.19
CA ALA B 20 -21.17 -1.95 21.40
C ALA B 20 -22.71 -1.93 21.24
N GLY B 21 -23.31 -0.75 21.12
CA GLY B 21 -24.75 -0.61 20.85
C GLY B 21 -25.23 -1.55 19.77
N TRP B 22 -24.67 -1.46 18.57
CA TRP B 22 -25.15 -2.17 17.37
C TRP B 22 -25.05 -3.67 17.59
N ASN B 23 -23.92 -4.11 18.15
CA ASN B 23 -23.65 -5.54 18.43
C ASN B 23 -24.63 -6.04 19.49
N ALA B 24 -24.73 -5.33 20.61
CA ALA B 24 -25.71 -5.63 21.69
C ALA B 24 -27.11 -5.78 21.07
N ALA B 25 -27.56 -4.80 20.26
CA ALA B 25 -28.94 -4.77 19.71
C ALA B 25 -29.12 -5.87 18.67
N THR B 26 -28.52 -5.73 17.48
CA THR B 26 -28.81 -6.55 16.28
C THR B 26 -28.34 -8.00 16.48
N LEU B 27 -27.33 -8.22 17.31
CA LEU B 27 -26.59 -9.52 17.38
C LEU B 27 -27.15 -10.41 18.49
N TYR B 28 -27.37 -9.84 19.68
CA TYR B 28 -27.86 -10.53 20.89
C TYR B 28 -29.29 -10.08 21.21
N GLY B 29 -29.93 -9.34 20.31
CA GLY B 29 -31.36 -8.94 20.40
C GLY B 29 -31.66 -8.14 21.66
N LYS B 30 -30.75 -7.30 22.13
CA LYS B 30 -30.91 -6.54 23.41
C LYS B 30 -31.54 -5.17 23.11
N ARG B 31 -32.11 -4.55 24.14
CA ARG B 31 -32.71 -3.19 24.08
C ARG B 31 -31.63 -2.21 24.54
N VAL B 32 -31.33 -1.20 23.73
CA VAL B 32 -30.12 -0.36 23.87
C VAL B 32 -30.48 1.11 23.75
N ALA B 33 -29.84 1.94 24.55
CA ALA B 33 -29.90 3.42 24.49
C ALA B 33 -28.49 3.94 24.20
N VAL B 34 -28.38 4.91 23.28
CA VAL B 34 -27.09 5.60 22.98
C VAL B 34 -27.37 7.10 23.03
N VAL B 35 -26.40 7.84 23.59
CA VAL B 35 -26.51 9.26 24.01
C VAL B 35 -25.27 10.01 23.51
N ASP B 36 -25.49 11.03 22.66
CA ASP B 36 -24.46 12.01 22.26
CA ASP B 36 -24.44 12.04 22.37
C ASP B 36 -25.13 13.39 22.27
N VAL B 37 -24.31 14.45 22.09
CA VAL B 37 -24.64 15.88 22.30
C VAL B 37 -25.02 16.60 21.00
N GLN B 38 -24.71 16.05 19.82
CA GLN B 38 -25.14 16.59 18.51
C GLN B 38 -25.52 15.43 17.59
N THR B 39 -26.27 15.72 16.53
CA THR B 39 -26.62 14.75 15.45
C THR B 39 -25.78 15.04 14.21
N SER B 40 -24.96 16.10 14.22
CA SER B 40 -24.10 16.47 13.07
C SER B 40 -22.82 17.10 13.59
N HIS B 41 -21.79 17.06 12.75
CA HIS B 41 -20.41 17.56 13.05
C HIS B 41 -20.47 19.06 13.30
N GLY B 42 -19.49 19.56 14.03
CA GLY B 42 -19.10 20.98 13.98
C GLY B 42 -19.42 21.71 15.28
N PRO B 43 -19.11 23.03 15.36
CA PRO B 43 -19.46 23.83 16.53
C PRO B 43 -20.95 23.67 16.86
N PRO B 44 -21.34 23.74 18.16
CA PRO B 44 -20.40 24.06 19.23
C PRO B 44 -19.55 22.95 19.87
N PHE B 45 -19.98 21.67 19.83
CA PHE B 45 -19.34 20.54 20.56
C PHE B 45 -18.36 19.73 19.67
N TYR B 46 -18.46 19.87 18.33
CA TYR B 46 -17.51 19.35 17.30
C TYR B 46 -17.75 17.84 17.11
N ALA B 47 -17.28 16.99 18.04
CA ALA B 47 -17.65 15.56 18.05
C ALA B 47 -19.18 15.46 18.07
N ALA B 48 -19.73 14.36 17.58
CA ALA B 48 -21.18 14.15 17.39
C ALA B 48 -21.45 12.67 17.12
N LEU B 49 -22.72 12.34 16.84
CA LEU B 49 -23.16 11.02 16.35
C LEU B 49 -22.13 10.52 15.32
N GLY B 50 -21.51 9.36 15.61
CA GLY B 50 -20.43 8.77 14.81
C GLY B 50 -19.06 8.91 15.48
N GLY B 51 -18.88 9.86 16.40
CA GLY B 51 -17.70 9.92 17.29
C GLY B 51 -16.64 10.87 16.80
N THR B 52 -15.48 10.93 17.44
CA THR B 52 -14.40 11.88 17.07
C THR B 52 -13.90 11.55 15.66
N CYS B 53 -13.77 10.26 15.34
CA CYS B 53 -13.19 9.75 14.08
C CYS B 53 -13.98 10.33 12.92
N VAL B 54 -15.30 10.12 12.95
CA VAL B 54 -16.22 10.48 11.84
C VAL B 54 -16.26 12.00 11.66
N ASN B 55 -16.34 12.76 12.77
CA ASN B 55 -16.74 14.19 12.73
C ASN B 55 -15.49 15.09 12.76
N VAL B 56 -14.47 14.80 13.59
CA VAL B 56 -13.30 15.72 13.75
C VAL B 56 -12.03 14.92 14.00
N GLY B 57 -11.86 13.81 13.29
CA GLY B 57 -10.69 12.91 13.45
C GLY B 57 -10.21 12.30 12.13
N CYS B 58 -9.99 10.98 12.14
CA CYS B 58 -9.44 10.15 11.04
C CYS B 58 -10.12 10.49 9.70
N VAL B 59 -11.46 10.52 9.63
CA VAL B 59 -12.21 10.63 8.35
C VAL B 59 -11.93 11.99 7.68
N PRO B 60 -12.33 13.14 8.27
CA PRO B 60 -12.06 14.44 7.65
C PRO B 60 -10.59 14.77 7.45
N LYS B 61 -9.72 14.28 8.35
CA LYS B 61 -8.23 14.43 8.31
CA LYS B 61 -8.25 14.50 8.26
C LYS B 61 -7.69 13.81 7.01
N LYS B 62 -8.01 12.54 6.82
CA LYS B 62 -7.56 11.75 5.64
C LYS B 62 -7.93 12.55 4.40
N LEU B 63 -9.23 12.86 4.22
CA LEU B 63 -9.72 13.72 3.12
C LEU B 63 -8.79 14.93 2.98
N MET B 64 -8.47 15.60 4.08
CA MET B 64 -7.68 16.86 4.03
C MET B 64 -6.21 16.56 3.75
N VAL B 65 -5.65 15.44 4.19
CA VAL B 65 -4.24 15.10 3.87
C VAL B 65 -4.15 14.73 2.39
N THR B 66 -5.18 14.07 1.87
CA THR B 66 -5.33 13.71 0.43
C THR B 66 -5.23 15.03 -0.34
N GLY B 67 -6.16 15.95 -0.04
CA GLY B 67 -6.14 17.33 -0.59
C GLY B 67 -4.72 17.84 -0.63
N ALA B 68 -3.97 17.79 0.48
CA ALA B 68 -2.63 18.41 0.57
C ALA B 68 -1.63 17.69 -0.34
N GLN B 69 -1.84 16.42 -0.68
CA GLN B 69 -0.87 15.63 -1.49
C GLN B 69 -0.74 16.28 -2.88
N TYR B 70 -1.84 16.81 -3.43
CA TYR B 70 -1.88 17.38 -4.80
C TYR B 70 -0.82 18.47 -4.94
N MET B 71 -0.52 19.22 -3.89
CA MET B 71 0.62 20.15 -3.99
C MET B 71 1.84 19.38 -4.52
N ASP B 72 2.13 18.22 -3.94
CA ASP B 72 3.28 17.35 -4.30
C ASP B 72 3.05 16.73 -5.69
N HIS B 73 1.92 16.06 -5.93
CA HIS B 73 1.56 15.48 -7.26
C HIS B 73 1.73 16.53 -8.35
N LEU B 74 1.11 17.72 -8.21
CA LEU B 74 1.18 18.81 -9.23
C LEU B 74 2.63 19.12 -9.58
N ARG B 75 3.49 19.28 -8.59
CA ARG B 75 4.94 19.58 -8.77
C ARG B 75 5.69 18.40 -9.40
N GLU B 76 5.40 17.16 -8.96
CA GLU B 76 6.23 15.97 -9.31
C GLU B 76 5.96 15.56 -10.74
N SER B 77 4.74 15.83 -11.23
CA SER B 77 4.22 15.44 -12.57
C SER B 77 5.06 16.02 -13.72
N ALA B 78 5.80 17.11 -13.47
CA ALA B 78 6.70 17.76 -14.47
C ALA B 78 7.78 16.79 -14.93
N GLY B 79 8.38 16.05 -13.99
CA GLY B 79 9.41 15.03 -14.29
C GLY B 79 8.92 14.02 -15.31
N PHE B 80 7.65 13.63 -15.20
CA PHE B 80 6.93 12.66 -16.07
C PHE B 80 6.27 13.45 -17.21
N GLY B 81 6.75 14.68 -17.41
CA GLY B 81 6.55 15.42 -18.66
C GLY B 81 5.18 16.02 -18.76
N TRP B 82 4.48 16.19 -17.64
CA TRP B 82 3.23 16.99 -17.58
C TRP B 82 3.56 18.47 -17.50
N GLU B 83 2.73 19.27 -18.17
CA GLU B 83 2.97 20.71 -18.47
C GLU B 83 1.65 21.43 -18.25
N PHE B 84 1.67 22.48 -17.43
CA PHE B 84 0.51 23.38 -17.25
C PHE B 84 1.05 24.71 -16.74
N ASP B 85 0.17 25.69 -16.59
CA ASP B 85 0.48 27.09 -16.24
C ASP B 85 0.70 27.20 -14.73
N GLY B 86 1.97 27.12 -14.28
CA GLY B 86 2.39 27.08 -12.87
C GLY B 86 1.87 28.25 -12.05
N SER B 87 1.76 29.43 -12.66
CA SER B 87 1.20 30.67 -12.04
C SER B 87 -0.31 30.52 -11.78
N SER B 88 -1.04 29.72 -12.57
CA SER B 88 -2.53 29.57 -12.47
C SER B 88 -2.92 28.67 -11.28
N VAL B 89 -1.96 27.99 -10.63
CA VAL B 89 -2.23 26.99 -9.55
C VAL B 89 -2.66 27.74 -8.29
N LYS B 90 -3.88 27.47 -7.81
CA LYS B 90 -4.40 28.01 -6.53
C LYS B 90 -5.02 26.86 -5.70
N ALA B 91 -4.62 26.74 -4.42
CA ALA B 91 -5.18 25.83 -3.40
C ALA B 91 -6.38 26.47 -2.71
N ASN B 92 -7.60 26.04 -3.05
CA ASN B 92 -8.85 26.64 -2.53
C ASN B 92 -9.32 25.89 -1.28
N TRP B 93 -8.93 26.40 -0.11
CA TRP B 93 -9.23 25.85 1.23
C TRP B 93 -10.75 25.81 1.49
N LYS B 94 -11.50 26.80 1.02
CA LYS B 94 -12.96 26.89 1.23
C LYS B 94 -13.64 25.69 0.55
N LYS B 95 -13.15 25.26 -0.62
CA LYS B 95 -13.81 24.14 -1.35
C LYS B 95 -13.47 22.81 -0.66
N LEU B 96 -12.25 22.66 -0.12
CA LEU B 96 -11.84 21.43 0.64
C LEU B 96 -12.84 21.24 1.78
N ILE B 97 -12.89 22.23 2.70
CA ILE B 97 -13.69 22.20 3.95
C ILE B 97 -15.14 21.88 3.59
N ALA B 98 -15.68 22.58 2.59
CA ALA B 98 -17.06 22.39 2.06
C ALA B 98 -17.28 20.92 1.68
N ALA B 99 -16.44 20.37 0.80
CA ALA B 99 -16.50 18.95 0.38
C ALA B 99 -16.38 18.06 1.62
N LYS B 100 -15.39 18.34 2.48
CA LYS B 100 -15.12 17.58 3.73
C LYS B 100 -16.37 17.58 4.59
N ASN B 101 -17.11 18.70 4.63
CA ASN B 101 -18.31 18.83 5.50
C ASN B 101 -19.50 18.04 4.95
N GLU B 102 -19.71 17.93 3.64
CA GLU B 102 -20.91 17.19 3.15
C GLU B 102 -20.61 15.68 3.18
N ALA B 103 -19.32 15.32 3.11
CA ALA B 103 -18.86 13.92 3.24
C ALA B 103 -19.17 13.47 4.67
N VAL B 104 -18.60 14.21 5.63
CA VAL B 104 -18.87 13.94 7.07
C VAL B 104 -20.39 14.01 7.29
N LEU B 105 -21.08 15.01 6.71
CA LEU B 105 -22.54 15.21 6.96
C LEU B 105 -23.32 13.99 6.49
N ASP B 106 -22.93 13.39 5.35
CA ASP B 106 -23.57 12.16 4.80
C ASP B 106 -23.45 11.03 5.82
N ILE B 107 -22.30 10.91 6.51
CA ILE B 107 -22.05 9.81 7.50
C ILE B 107 -23.02 10.04 8.67
N ASN B 108 -23.06 11.27 9.18
CA ASN B 108 -23.96 11.69 10.30
C ASN B 108 -25.35 11.13 10.00
N LYS B 109 -25.88 11.45 8.83
CA LYS B 109 -27.30 11.17 8.46
C LYS B 109 -27.55 9.68 8.30
N SER B 110 -26.55 8.88 7.89
CA SER B 110 -26.70 7.41 7.72
C SER B 110 -26.79 6.73 9.10
N TYR B 111 -26.03 7.21 10.10
CA TYR B 111 -26.10 6.73 11.51
C TYR B 111 -27.52 6.99 12.00
N GLU B 112 -28.01 8.22 11.85
CA GLU B 112 -29.44 8.59 12.13
C GLU B 112 -30.38 7.53 11.50
N GLY B 113 -30.13 7.14 10.25
CA GLY B 113 -30.90 6.10 9.53
C GLY B 113 -30.71 4.70 10.10
N MET B 114 -29.51 4.40 10.59
CA MET B 114 -29.20 3.11 11.25
C MET B 114 -30.07 2.99 12.52
N PHE B 115 -30.12 4.05 13.33
CA PHE B 115 -30.94 4.14 14.55
C PHE B 115 -32.43 4.02 14.16
N ASN B 116 -32.87 4.74 13.13
CA ASN B 116 -34.30 4.73 12.67
C ASN B 116 -34.71 3.32 12.29
N ASP B 117 -33.83 2.54 11.67
CA ASP B 117 -34.20 1.26 11.03
C ASP B 117 -33.94 0.08 11.98
N THR B 118 -33.26 0.30 13.11
CA THR B 118 -32.80 -0.82 13.99
C THR B 118 -33.72 -0.94 15.20
N GLU B 119 -34.35 -2.11 15.34
CA GLU B 119 -35.23 -2.47 16.47
C GLU B 119 -34.39 -2.51 17.76
N GLY B 120 -34.88 -1.86 18.81
CA GLY B 120 -34.29 -1.92 20.16
C GLY B 120 -32.94 -1.21 20.23
N LEU B 121 -32.64 -0.32 19.27
CA LEU B 121 -31.43 0.55 19.29
C LEU B 121 -31.91 1.99 19.15
N ASP B 122 -31.89 2.75 20.25
CA ASP B 122 -32.64 4.02 20.37
C ASP B 122 -31.67 5.12 20.78
N PHE B 123 -31.65 6.19 20.01
CA PHE B 123 -30.75 7.35 20.16
C PHE B 123 -31.39 8.39 21.08
N PHE B 124 -30.59 9.18 21.80
CA PHE B 124 -31.06 10.25 22.71
C PHE B 124 -30.07 11.43 22.70
N LEU B 125 -30.49 12.57 22.15
CA LEU B 125 -29.69 13.82 22.13
C LEU B 125 -29.50 14.31 23.56
N GLY B 126 -28.34 14.90 23.86
CA GLY B 126 -28.06 15.66 25.10
C GLY B 126 -26.87 15.10 25.85
N TRP B 127 -26.62 15.62 27.06
CA TRP B 127 -25.46 15.24 27.91
C TRP B 127 -25.86 14.18 28.95
N GLY B 128 -25.40 12.94 28.76
CA GLY B 128 -25.55 11.83 29.73
C GLY B 128 -24.60 12.00 30.91
N SER B 129 -25.09 11.71 32.12
CA SER B 129 -24.28 11.56 33.35
C SER B 129 -24.79 10.38 34.17
N LEU B 130 -24.03 10.02 35.20
CA LEU B 130 -24.37 8.91 36.13
C LEU B 130 -25.09 9.50 37.35
N GLU B 131 -26.39 9.22 37.49
CA GLU B 131 -27.19 9.56 38.70
C GLU B 131 -26.92 8.48 39.74
N SER B 132 -27.44 7.26 39.55
CA SER B 132 -27.17 6.06 40.38
C SER B 132 -26.51 4.96 39.52
N LYS B 133 -26.23 3.81 40.12
CA LYS B 133 -25.57 2.65 39.47
C LYS B 133 -26.48 2.04 38.39
N ASN B 134 -27.74 2.45 38.31
CA ASN B 134 -28.74 1.89 37.34
C ASN B 134 -29.48 2.99 36.60
N VAL B 135 -29.02 4.25 36.68
CA VAL B 135 -29.73 5.43 36.11
C VAL B 135 -28.70 6.35 35.44
N VAL B 136 -28.89 6.61 34.15
CA VAL B 136 -28.20 7.69 33.39
C VAL B 136 -29.24 8.80 33.18
N VAL B 137 -28.89 10.03 33.56
CA VAL B 137 -29.74 11.22 33.32
C VAL B 137 -29.17 12.01 32.13
N VAL B 138 -29.99 12.19 31.09
CA VAL B 138 -29.68 13.05 29.92
C VAL B 138 -30.22 14.46 30.24
N ARG B 139 -29.31 15.40 30.46
CA ARG B 139 -29.60 16.85 30.66
C ARG B 139 -29.49 17.59 29.32
N GLU B 140 -29.92 18.84 29.30
CA GLU B 140 -29.87 19.69 28.09
C GLU B 140 -28.43 20.12 27.89
N THR B 141 -27.65 20.37 28.95
CA THR B 141 -26.21 20.75 28.81
C THR B 141 -25.30 20.05 29.82
N ALA B 142 -24.00 20.25 29.63
CA ALA B 142 -22.87 19.74 30.45
C ALA B 142 -23.04 20.18 31.91
N ASP B 143 -23.69 21.33 32.13
CA ASP B 143 -24.05 21.84 33.47
C ASP B 143 -25.00 20.84 34.12
N PRO B 144 -24.64 20.29 35.31
CA PRO B 144 -25.49 19.32 36.01
C PRO B 144 -26.79 19.94 36.53
N LYS B 145 -26.81 21.26 36.74
CA LYS B 145 -27.99 22.04 37.20
C LYS B 145 -28.89 22.41 36.01
N SER B 146 -28.78 21.74 34.85
CA SER B 146 -29.55 22.08 33.62
C SER B 146 -30.77 21.17 33.51
N ALA B 147 -31.72 21.54 32.63
CA ALA B 147 -33.03 20.87 32.43
C ALA B 147 -32.80 19.39 32.11
N VAL B 148 -33.54 18.48 32.75
CA VAL B 148 -33.45 17.01 32.53
C VAL B 148 -34.30 16.61 31.31
N LYS B 149 -33.67 16.05 30.27
CA LYS B 149 -34.35 15.59 29.02
C LYS B 149 -35.01 14.23 29.28
N GLU B 150 -34.35 13.33 30.01
CA GLU B 150 -34.95 12.06 30.49
C GLU B 150 -33.94 11.27 31.32
N ARG B 151 -34.44 10.40 32.21
CA ARG B 151 -33.66 9.42 33.02
C ARG B 151 -33.79 8.05 32.36
N LEU B 152 -32.64 7.39 32.11
CA LEU B 152 -32.61 6.04 31.49
C LEU B 152 -32.26 5.02 32.57
N GLN B 153 -33.18 4.08 32.77
CA GLN B 153 -32.98 2.88 33.61
C GLN B 153 -32.14 1.86 32.81
N ALA B 154 -31.11 1.30 33.43
CA ALA B 154 -29.99 0.59 32.77
C ALA B 154 -29.59 -0.65 33.58
N ASP B 155 -29.69 -1.84 33.00
CA ASP B 155 -29.06 -3.06 33.59
C ASP B 155 -27.55 -2.80 33.69
N HIS B 156 -26.91 -2.55 32.54
CA HIS B 156 -25.46 -2.24 32.43
C HIS B 156 -25.27 -0.89 31.75
N ILE B 157 -24.15 -0.23 32.05
CA ILE B 157 -23.85 1.15 31.57
C ILE B 157 -22.45 1.16 30.93
N LEU B 158 -22.35 1.73 29.73
CA LEU B 158 -21.05 1.81 29.01
C LEU B 158 -20.65 3.27 28.83
N LEU B 159 -19.58 3.67 29.52
CA LEU B 159 -18.91 4.99 29.35
C LEU B 159 -18.03 4.91 28.08
N ALA B 160 -18.21 5.84 27.12
CA ALA B 160 -17.53 5.87 25.80
C ALA B 160 -17.54 7.30 25.22
N THR B 161 -17.14 8.28 26.02
CA THR B 161 -17.26 9.73 25.72
C THR B 161 -16.00 10.22 25.01
N GLY B 162 -15.05 9.33 24.73
CA GLY B 162 -13.79 9.61 24.03
C GLY B 162 -12.88 10.48 24.86
N SER B 163 -12.16 11.40 24.19
CA SER B 163 -11.09 12.29 24.73
C SER B 163 -11.31 13.72 24.21
N TRP B 164 -10.41 14.63 24.55
CA TRP B 164 -10.60 16.08 24.26
C TRP B 164 -9.23 16.75 24.22
N PRO B 165 -9.05 17.82 23.41
CA PRO B 165 -7.73 18.45 23.30
C PRO B 165 -7.24 19.01 24.64
N GLN B 166 -5.99 18.71 24.98
CA GLN B 166 -5.29 19.24 26.16
C GLN B 166 -4.70 20.61 25.78
N MET B 167 -5.12 21.66 26.48
CA MET B 167 -4.62 23.05 26.32
C MET B 167 -3.75 23.40 27.52
N PRO B 168 -2.53 23.92 27.35
CA PRO B 168 -1.69 24.27 28.49
C PRO B 168 -2.22 25.57 29.10
N ALA B 169 -2.36 25.59 30.43
CA ALA B 169 -2.66 26.82 31.21
C ALA B 169 -1.47 27.75 31.04
N ILE B 170 -1.53 28.63 30.04
CA ILE B 170 -0.56 29.74 29.83
C ILE B 170 -1.35 31.00 29.44
N PRO B 171 -0.76 32.20 29.63
CA PRO B 171 -1.44 33.44 29.29
C PRO B 171 -1.65 33.59 27.78
N GLY B 172 -2.92 33.70 27.36
CA GLY B 172 -3.31 33.87 25.95
C GLY B 172 -3.81 32.58 25.33
N ILE B 173 -3.93 31.50 26.11
CA ILE B 173 -4.52 30.20 25.67
C ILE B 173 -5.88 30.44 24.99
N GLU B 174 -6.53 31.56 25.27
CA GLU B 174 -7.86 31.92 24.68
C GLU B 174 -7.69 32.26 23.19
N HIS B 175 -6.48 32.66 22.81
CA HIS B 175 -6.09 33.07 21.44
C HIS B 175 -5.67 31.87 20.57
N CYS B 176 -5.42 30.71 21.18
CA CYS B 176 -4.90 29.45 20.57
C CYS B 176 -6.06 28.52 20.23
N ILE B 177 -5.90 27.55 19.32
CA ILE B 177 -6.98 26.58 18.94
C ILE B 177 -6.49 25.14 19.07
N SER B 178 -7.40 24.20 18.83
CA SER B 178 -7.13 22.74 18.80
C SER B 178 -7.52 22.19 17.43
N SER B 179 -7.24 20.92 17.17
CA SER B 179 -7.66 20.21 15.92
C SER B 179 -9.11 20.59 15.62
N ASN B 180 -9.95 20.60 16.65
CA ASN B 180 -11.42 20.80 16.54
C ASN B 180 -11.71 22.03 15.67
N GLU B 181 -11.03 23.15 15.98
CA GLU B 181 -11.30 24.48 15.37
C GLU B 181 -10.58 24.52 14.03
N ALA B 182 -9.37 23.96 13.96
CA ALA B 182 -8.59 23.79 12.71
C ALA B 182 -9.50 23.24 11.60
N PHE B 183 -10.38 22.28 11.92
CA PHE B 183 -11.28 21.64 10.93
C PHE B 183 -12.24 22.67 10.31
N TYR B 184 -12.45 23.85 10.92
CA TYR B 184 -13.52 24.80 10.52
C TYR B 184 -12.98 26.22 10.32
N LEU B 185 -11.66 26.43 10.24
CA LEU B 185 -11.09 27.77 9.90
C LEU B 185 -11.75 28.28 8.63
N PRO B 186 -12.28 29.53 8.58
CA PRO B 186 -12.93 30.06 7.37
C PRO B 186 -11.99 30.22 6.16
N GLU B 187 -10.72 30.53 6.41
CA GLU B 187 -9.68 30.67 5.36
C GLU B 187 -8.41 30.00 5.87
N PRO B 188 -7.47 29.61 4.98
CA PRO B 188 -6.27 28.88 5.40
C PRO B 188 -5.21 29.84 5.90
N PRO B 189 -4.56 29.56 7.04
CA PRO B 189 -3.63 30.52 7.65
C PRO B 189 -2.32 30.73 6.88
N ARG B 190 -2.00 32.00 6.59
CA ARG B 190 -0.74 32.37 5.91
C ARG B 190 0.41 31.83 6.74
N ARG B 191 0.44 32.16 8.03
CA ARG B 191 1.42 31.64 9.00
C ARG B 191 0.64 30.83 10.04
N VAL B 192 1.20 29.72 10.49
CA VAL B 192 0.57 28.88 11.55
C VAL B 192 1.67 28.18 12.35
N LEU B 193 1.48 28.13 13.68
CA LEU B 193 2.31 27.36 14.64
C LEU B 193 1.48 26.15 15.10
N THR B 194 1.94 24.93 14.81
CA THR B 194 1.40 23.67 15.39
C THR B 194 2.26 23.34 16.61
N VAL B 195 1.64 23.23 17.78
CA VAL B 195 2.34 23.00 19.08
C VAL B 195 2.13 21.54 19.47
N GLY B 196 3.24 20.77 19.53
CA GLY B 196 3.25 19.32 19.79
C GLY B 196 4.14 18.56 18.80
N GLY B 197 4.69 17.42 19.22
CA GLY B 197 5.49 16.52 18.39
C GLY B 197 4.74 15.24 18.04
N GLY B 198 3.46 15.13 18.42
CA GLY B 198 2.65 13.94 18.15
C GLY B 198 2.04 13.97 16.77
N PHE B 199 1.21 12.98 16.45
CA PHE B 199 0.71 12.70 15.07
C PHE B 199 -0.17 13.86 14.57
N ILE B 200 -0.99 14.47 15.41
CA ILE B 200 -1.98 15.52 15.01
C ILE B 200 -1.23 16.79 14.58
N SER B 201 -0.15 17.14 15.28
CA SER B 201 0.70 18.31 14.99
C SER B 201 1.27 18.12 13.56
N VAL B 202 1.99 17.02 13.36
CA VAL B 202 2.66 16.67 12.08
C VAL B 202 1.63 16.62 10.92
N GLU B 203 0.51 15.91 11.08
CA GLU B 203 -0.53 15.80 10.03
C GLU B 203 -1.04 17.19 9.63
N PHE B 204 -1.44 18.03 10.60
CA PHE B 204 -1.97 19.40 10.33
C PHE B 204 -0.86 20.26 9.74
N ALA B 205 0.40 20.11 10.15
CA ALA B 205 1.55 20.83 9.60
C ALA B 205 1.63 20.62 8.09
N GLY B 206 1.36 19.39 7.63
CA GLY B 206 1.33 19.01 6.19
C GLY B 206 0.12 19.59 5.48
N ILE B 207 -1.05 19.57 6.12
CA ILE B 207 -2.31 20.10 5.53
C ILE B 207 -2.20 21.61 5.30
N PHE B 208 -1.83 22.37 6.34
CA PHE B 208 -1.63 23.83 6.27
C PHE B 208 -0.53 24.12 5.24
N ASN B 209 0.50 23.27 5.19
CA ASN B 209 1.70 23.49 4.34
C ASN B 209 1.31 23.52 2.88
N ALA B 210 0.30 22.72 2.48
CA ALA B 210 -0.17 22.58 1.09
C ALA B 210 -1.13 23.70 0.73
N TYR B 211 -1.97 24.15 1.67
CA TYR B 211 -3.11 25.07 1.41
C TYR B 211 -2.79 26.52 1.78
N LYS B 212 -1.55 26.82 2.23
CA LYS B 212 -1.17 28.16 2.75
C LYS B 212 -1.11 29.17 1.61
N PRO B 213 -1.68 30.39 1.76
CA PRO B 213 -1.65 31.40 0.69
C PRO B 213 -0.21 31.83 0.41
N PRO B 214 0.02 32.57 -0.69
CA PRO B 214 1.37 32.93 -1.10
C PRO B 214 2.20 33.54 0.03
N GLY B 215 3.52 33.33 0.00
CA GLY B 215 4.49 33.78 1.01
C GLY B 215 4.12 33.30 2.40
N GLY B 216 3.30 32.24 2.51
CA GLY B 216 2.89 31.65 3.79
C GLY B 216 4.05 30.89 4.42
N LYS B 217 3.92 30.44 5.67
CA LYS B 217 4.93 29.57 6.33
C LYS B 217 4.27 28.79 7.46
N VAL B 218 4.67 27.52 7.61
CA VAL B 218 4.21 26.62 8.70
C VAL B 218 5.42 26.31 9.59
N THR B 219 5.31 26.66 10.88
CA THR B 219 6.25 26.24 11.94
C THR B 219 5.53 25.21 12.81
N LEU B 220 6.27 24.21 13.28
CA LEU B 220 5.81 23.22 14.30
C LEU B 220 6.83 23.24 15.43
N CYS B 221 6.43 23.45 16.69
CA CYS B 221 7.40 23.39 17.82
C CYS B 221 7.14 22.13 18.65
N TYR B 222 8.16 21.68 19.37
CA TYR B 222 8.03 20.52 20.27
C TYR B 222 9.09 20.64 21.39
N ARG B 223 8.59 20.58 22.63
CA ARG B 223 9.34 21.00 23.84
C ARG B 223 10.62 20.16 23.96
N ASN B 224 10.71 19.02 23.29
CA ASN B 224 11.86 18.08 23.44
C ASN B 224 12.64 17.99 22.13
N ASN B 225 13.60 17.08 22.05
CA ASN B 225 14.76 17.14 21.10
C ASN B 225 14.42 16.53 19.73
N LEU B 226 13.34 15.73 19.62
CA LEU B 226 13.02 14.94 18.38
C LEU B 226 11.54 14.55 18.36
N ILE B 227 10.79 14.97 17.32
CA ILE B 227 9.31 14.79 17.22
C ILE B 227 8.93 13.30 17.22
N LEU B 228 7.63 13.03 17.41
CA LEU B 228 7.01 11.68 17.31
C LEU B 228 7.68 10.71 18.27
N ARG B 229 7.56 11.03 19.56
CA ARG B 229 8.02 10.16 20.67
C ARG B 229 7.17 8.90 20.60
N GLY B 230 7.74 7.72 20.84
CA GLY B 230 7.03 6.44 20.73
C GLY B 230 7.28 5.75 19.39
N PHE B 231 7.58 6.49 18.34
CA PHE B 231 7.86 5.91 17.00
C PHE B 231 9.35 5.53 16.88
N ASP B 232 9.63 4.66 15.92
CA ASP B 232 11.00 4.24 15.54
C ASP B 232 11.84 5.49 15.34
N GLU B 233 13.07 5.46 15.88
CA GLU B 233 13.99 6.63 16.00
C GLU B 233 14.50 7.02 14.62
N THR B 234 14.90 6.04 13.80
CA THR B 234 15.32 6.32 12.40
C THR B 234 14.21 7.13 11.75
N ILE B 235 12.96 6.66 11.83
CA ILE B 235 11.82 7.29 11.12
C ILE B 235 11.58 8.70 11.68
N ARG B 236 11.78 8.89 12.97
CA ARG B 236 11.57 10.22 13.64
C ARG B 236 12.54 11.21 12.99
N GLU B 237 13.79 10.81 12.82
CA GLU B 237 14.86 11.66 12.26
C GLU B 237 14.62 11.88 10.76
N GLU B 238 14.06 10.88 10.07
CA GLU B 238 13.90 10.91 8.60
C GLU B 238 12.67 11.76 8.26
N VAL B 239 11.55 11.63 8.98
CA VAL B 239 10.32 12.44 8.74
C VAL B 239 10.52 13.91 9.18
N THR B 240 11.50 14.20 10.05
CA THR B 240 11.95 15.59 10.36
C THR B 240 12.52 16.19 9.08
N LYS B 241 13.47 15.48 8.47
CA LYS B 241 14.22 15.93 7.26
C LYS B 241 13.26 16.12 6.07
N GLN B 242 12.17 15.34 6.00
CA GLN B 242 11.28 15.32 4.82
C GLN B 242 10.20 16.38 4.96
N LEU B 243 9.78 16.70 6.19
CA LEU B 243 8.91 17.88 6.45
C LEU B 243 9.71 19.17 6.18
N THR B 244 10.93 19.28 6.71
CA THR B 244 11.87 20.40 6.43
C THR B 244 11.99 20.60 4.92
N ALA B 245 12.35 19.52 4.21
CA ALA B 245 12.53 19.48 2.74
C ALA B 245 11.30 20.01 2.01
N ASN B 246 10.08 19.77 2.52
CA ASN B 246 8.83 20.25 1.88
C ASN B 246 8.40 21.59 2.48
N GLY B 247 9.28 22.28 3.24
CA GLY B 247 9.15 23.72 3.58
C GLY B 247 8.45 23.98 4.91
N ILE B 248 8.55 23.03 5.83
CA ILE B 248 7.99 23.14 7.22
C ILE B 248 9.19 23.34 8.15
N GLU B 249 9.12 24.37 8.99
CA GLU B 249 10.18 24.67 9.99
C GLU B 249 9.86 23.89 11.27
N ILE B 250 10.78 23.03 11.69
CA ILE B 250 10.69 22.31 13.00
C ILE B 250 11.51 23.09 14.03
N MET B 251 10.86 23.61 15.08
CA MET B 251 11.52 24.14 16.29
C MET B 251 11.42 23.07 17.38
N THR B 252 12.50 22.34 17.64
CA THR B 252 12.61 21.36 18.75
C THR B 252 13.28 22.02 19.96
N ASN B 253 12.94 21.58 21.18
CA ASN B 253 13.39 22.14 22.47
C ASN B 253 12.85 23.57 22.60
N GLU B 254 11.58 23.77 22.24
CA GLU B 254 10.90 25.09 22.21
C GLU B 254 9.44 24.86 22.63
N ASN B 255 8.95 25.68 23.56
CA ASN B 255 7.55 25.58 24.07
C ASN B 255 7.00 26.98 24.31
N PRO B 256 5.77 27.28 23.85
CA PRO B 256 5.11 28.55 24.14
C PRO B 256 4.95 28.79 25.65
N ALA B 257 5.26 30.01 26.10
CA ALA B 257 5.09 30.47 27.50
C ALA B 257 3.84 31.37 27.60
N LYS B 258 3.60 32.19 26.56
CA LYS B 258 2.44 33.11 26.49
C LYS B 258 2.13 33.47 25.02
N VAL B 259 0.86 33.69 24.72
CA VAL B 259 0.39 34.23 23.42
C VAL B 259 -0.34 35.54 23.73
N SER B 260 -0.08 36.59 22.94
CA SER B 260 -0.78 37.90 23.04
C SER B 260 -1.18 38.34 21.63
N LEU B 261 -2.33 39.03 21.50
CA LEU B 261 -2.82 39.56 20.20
C LEU B 261 -2.03 40.81 19.83
N ASN B 262 -1.53 40.88 18.59
CA ASN B 262 -0.94 42.10 17.97
C ASN B 262 -2.09 42.98 17.46
N THR B 263 -1.79 44.24 17.12
CA THR B 263 -2.79 45.29 16.82
C THR B 263 -3.58 44.94 15.54
N ASP B 264 -3.05 44.06 14.69
CA ASP B 264 -3.72 43.57 13.45
C ASP B 264 -4.50 42.28 13.71
N GLY B 265 -4.64 41.86 14.97
CA GLY B 265 -5.38 40.65 15.37
C GLY B 265 -4.56 39.38 15.23
N SER B 266 -3.32 39.48 14.68
CA SER B 266 -2.40 38.33 14.54
C SER B 266 -1.93 37.90 15.93
N LYS B 267 -1.18 36.81 16.04
CA LYS B 267 -0.82 36.19 17.34
C LYS B 267 0.70 36.30 17.55
N HIS B 268 1.12 37.01 18.60
CA HIS B 268 2.55 37.10 19.00
C HIS B 268 2.80 36.03 20.08
N VAL B 269 3.82 35.21 19.88
CA VAL B 269 4.12 34.00 20.71
C VAL B 269 5.52 34.17 21.34
N THR B 270 5.60 34.04 22.66
CA THR B 270 6.88 34.03 23.42
C THR B 270 7.15 32.60 23.90
N PHE B 271 8.27 32.04 23.46
CA PHE B 271 8.75 30.69 23.86
C PHE B 271 9.52 30.82 25.17
N GLU B 272 9.44 29.80 26.03
CA GLU B 272 10.17 29.73 27.33
C GLU B 272 11.63 30.12 27.11
N SER B 273 12.16 29.99 25.89
CA SER B 273 13.55 30.35 25.52
C SER B 273 13.70 31.86 25.30
N GLY B 274 12.57 32.60 25.31
CA GLY B 274 12.49 34.05 25.03
C GLY B 274 12.38 34.37 23.55
N LYS B 275 12.65 33.40 22.68
CA LYS B 275 12.34 33.47 21.22
C LYS B 275 10.89 33.92 21.05
N THR B 276 10.61 34.60 19.94
CA THR B 276 9.24 35.10 19.63
C THR B 276 8.88 34.68 18.20
N LEU B 277 7.59 34.68 17.87
CA LEU B 277 7.12 34.35 16.51
C LEU B 277 5.71 34.90 16.28
N ASP B 278 5.51 35.54 15.12
CA ASP B 278 4.19 36.11 14.73
C ASP B 278 3.55 35.20 13.69
N VAL B 279 2.36 34.70 14.01
CA VAL B 279 1.59 33.72 13.19
C VAL B 279 0.11 34.09 13.30
N ASP B 280 -0.67 33.66 12.31
CA ASP B 280 -2.13 33.96 12.19
C ASP B 280 -2.93 32.96 13.01
N VAL B 281 -2.43 31.72 13.18
CA VAL B 281 -3.08 30.68 14.03
C VAL B 281 -2.02 29.97 14.88
N VAL B 282 -2.34 29.70 16.15
CA VAL B 282 -1.60 28.75 17.04
C VAL B 282 -2.53 27.56 17.32
N MET B 283 -2.19 26.39 16.79
CA MET B 283 -2.96 25.15 17.02
C MET B 283 -2.17 24.32 18.04
N MET B 284 -2.77 24.19 19.23
CA MET B 284 -2.33 23.25 20.30
C MET B 284 -2.74 21.83 19.89
N ALA B 285 -1.75 20.95 19.80
CA ALA B 285 -1.94 19.49 19.72
C ALA B 285 -0.84 18.84 20.56
N ILE B 286 -0.87 19.07 21.88
CA ILE B 286 0.17 18.61 22.84
C ILE B 286 -0.31 17.37 23.57
N GLY B 287 -1.60 17.01 23.48
CA GLY B 287 -2.09 15.71 23.99
C GLY B 287 -3.60 15.63 23.90
N ARG B 288 -4.20 14.52 24.32
CA ARG B 288 -5.67 14.39 24.43
C ARG B 288 -6.00 13.70 25.75
N ILE B 289 -6.95 14.28 26.49
CA ILE B 289 -7.27 13.88 27.90
C ILE B 289 -8.60 13.14 27.87
N PRO B 290 -8.75 12.05 28.65
CA PRO B 290 -10.02 11.31 28.72
C PRO B 290 -11.17 12.25 29.11
N ARG B 291 -12.35 12.07 28.54
CA ARG B 291 -13.49 13.02 28.73
C ARG B 291 -14.42 12.53 29.86
N THR B 292 -14.04 12.80 31.11
CA THR B 292 -14.69 12.25 32.35
C THR B 292 -15.52 13.33 33.09
N ASN B 293 -15.14 14.62 33.01
CA ASN B 293 -15.72 15.74 33.83
C ASN B 293 -17.25 15.74 33.83
N ASP B 294 -17.92 15.46 32.70
CA ASP B 294 -19.37 15.73 32.53
C ASP B 294 -20.18 14.50 32.92
N LEU B 295 -19.54 13.45 33.42
CA LEU B 295 -20.22 12.15 33.72
C LEU B 295 -20.64 12.07 35.20
N GLN B 296 -20.06 12.93 36.03
CA GLN B 296 -20.36 13.00 37.49
C GLN B 296 -20.12 11.61 38.07
N LEU B 297 -18.97 10.99 37.74
CA LEU B 297 -18.56 9.66 38.26
C LEU B 297 -18.38 9.74 39.79
N GLY B 298 -18.29 10.96 40.35
CA GLY B 298 -18.35 11.20 41.81
C GLY B 298 -19.58 10.58 42.45
N ASN B 299 -20.72 10.63 41.76
CA ASN B 299 -22.03 10.10 42.23
C ASN B 299 -21.87 8.63 42.62
N VAL B 300 -21.41 7.78 41.71
CA VAL B 300 -21.43 6.29 41.89
C VAL B 300 -20.03 5.76 42.24
N GLY B 301 -19.02 6.64 42.33
CA GLY B 301 -17.67 6.31 42.81
C GLY B 301 -16.89 5.41 41.85
N VAL B 302 -17.02 5.60 40.54
CA VAL B 302 -16.18 4.91 39.51
C VAL B 302 -14.75 5.47 39.60
N LYS B 303 -13.75 4.59 39.75
CA LYS B 303 -12.33 4.96 40.02
C LYS B 303 -11.66 5.40 38.72
N LEU B 304 -11.04 6.58 38.72
CA LEU B 304 -10.14 7.06 37.66
C LEU B 304 -8.71 6.64 38.00
N THR B 305 -7.82 6.58 37.00
CA THR B 305 -6.40 6.22 37.17
C THR B 305 -5.63 7.47 37.56
N PRO B 306 -4.37 7.37 38.03
CA PRO B 306 -3.56 8.56 38.29
C PRO B 306 -3.57 9.47 37.06
N LYS B 307 -3.49 8.85 35.88
CA LYS B 307 -3.53 9.51 34.53
C LYS B 307 -4.78 10.39 34.40
N GLY B 308 -5.96 9.88 34.74
CA GLY B 308 -7.24 10.60 34.58
C GLY B 308 -8.26 9.78 33.81
N GLY B 309 -7.86 8.62 33.29
CA GLY B 309 -8.75 7.72 32.55
C GLY B 309 -9.56 6.88 33.49
N VAL B 310 -10.75 6.44 33.09
CA VAL B 310 -11.53 5.42 33.83
C VAL B 310 -10.70 4.16 33.97
N GLN B 311 -10.30 3.82 35.20
CA GLN B 311 -9.58 2.56 35.48
C GLN B 311 -10.49 1.43 35.00
N VAL B 312 -9.88 0.46 34.29
CA VAL B 312 -10.56 -0.82 33.90
C VAL B 312 -9.56 -1.95 33.97
N ASP B 313 -10.07 -3.17 34.09
CA ASP B 313 -9.32 -4.45 33.95
C ASP B 313 -9.30 -4.79 32.45
N GLU B 314 -8.94 -6.04 32.12
CA GLU B 314 -8.71 -6.50 30.74
C GLU B 314 -10.07 -6.65 30.02
N PHE B 315 -11.18 -6.52 30.72
CA PHE B 315 -12.50 -6.87 30.13
C PHE B 315 -13.38 -5.62 30.10
N SER B 316 -12.75 -4.47 30.35
CA SER B 316 -13.36 -3.12 30.26
C SER B 316 -14.28 -2.85 31.47
N ARG B 317 -14.18 -3.64 32.55
CA ARG B 317 -15.00 -3.51 33.80
C ARG B 317 -14.45 -2.42 34.71
N THR B 318 -15.28 -1.45 35.13
CA THR B 318 -14.98 -0.51 36.25
C THR B 318 -15.17 -1.26 37.58
N ASN B 319 -14.88 -0.60 38.70
CA ASN B 319 -15.02 -1.15 40.07
C ASN B 319 -16.51 -1.30 40.44
N VAL B 320 -17.40 -0.64 39.71
CA VAL B 320 -18.88 -0.77 39.86
C VAL B 320 -19.38 -1.84 38.91
N PRO B 321 -19.82 -3.01 39.42
CA PRO B 321 -20.03 -4.22 38.62
C PRO B 321 -20.62 -4.20 37.19
N ASN B 322 -21.71 -3.43 37.00
CA ASN B 322 -22.55 -3.38 35.78
C ASN B 322 -22.15 -2.17 34.90
N ILE B 323 -21.10 -1.44 35.28
CA ILE B 323 -20.61 -0.24 34.55
C ILE B 323 -19.22 -0.52 33.91
N TYR B 324 -19.04 -0.10 32.66
CA TYR B 324 -17.87 -0.42 31.81
C TYR B 324 -17.39 0.82 31.08
N ALA B 325 -16.13 0.81 30.66
CA ALA B 325 -15.48 1.92 29.92
C ALA B 325 -14.57 1.35 28.84
N ILE B 326 -14.79 1.76 27.59
CA ILE B 326 -13.97 1.44 26.39
C ILE B 326 -13.55 2.74 25.71
N GLY B 327 -12.60 2.63 24.78
CA GLY B 327 -12.23 3.78 23.94
C GLY B 327 -11.20 4.63 24.63
N ASP B 328 -11.10 5.89 24.17
CA ASP B 328 -10.12 6.90 24.64
C ASP B 328 -10.40 7.30 26.10
N ILE B 329 -11.63 7.13 26.61
CA ILE B 329 -11.93 7.45 28.03
C ILE B 329 -11.01 6.59 28.92
N THR B 330 -10.63 5.40 28.45
CA THR B 330 -9.78 4.42 29.20
C THR B 330 -8.32 4.79 29.01
N ASP B 331 -8.04 5.74 28.13
CA ASP B 331 -6.74 6.45 28.11
C ASP B 331 -5.62 5.45 27.85
N ARG B 332 -5.82 4.52 26.90
CA ARG B 332 -4.79 3.48 26.57
C ARG B 332 -4.34 3.67 25.12
N LEU B 333 -4.78 2.84 24.16
CA LEU B 333 -4.46 3.11 22.74
C LEU B 333 -5.60 3.95 22.17
N MET B 334 -5.33 5.22 21.88
CA MET B 334 -6.40 6.15 21.41
C MET B 334 -6.54 6.02 19.90
N LEU B 335 -7.04 4.85 19.46
CA LEU B 335 -7.32 4.54 18.03
C LEU B 335 -8.79 4.17 17.86
N THR B 336 -9.35 4.33 16.66
CA THR B 336 -10.77 3.97 16.35
C THR B 336 -10.92 2.44 16.33
N PRO B 337 -10.07 1.67 15.61
CA PRO B 337 -10.24 0.21 15.51
C PRO B 337 -10.08 -0.48 16.86
N VAL B 338 -9.29 0.09 17.76
CA VAL B 338 -9.13 -0.46 19.13
C VAL B 338 -10.46 -0.23 19.88
N ALA B 339 -10.98 1.00 19.94
CA ALA B 339 -12.28 1.28 20.61
C ALA B 339 -13.36 0.36 20.06
N ILE B 340 -13.29 -0.01 18.77
CA ILE B 340 -14.32 -0.87 18.11
C ILE B 340 -14.15 -2.31 18.60
N ASN B 341 -12.91 -2.75 18.83
CA ASN B 341 -12.57 -4.14 19.24
C ASN B 341 -13.00 -4.32 20.70
N GLU B 342 -12.65 -3.35 21.56
CA GLU B 342 -13.05 -3.25 22.98
C GLU B 342 -14.58 -3.31 23.07
N GLY B 343 -15.25 -2.47 22.28
CA GLY B 343 -16.71 -2.46 22.14
C GLY B 343 -17.26 -3.86 21.94
N ALA B 344 -16.81 -4.57 20.90
CA ALA B 344 -17.34 -5.88 20.49
C ALA B 344 -17.03 -6.95 21.55
N ALA B 345 -15.79 -6.98 22.08
CA ALA B 345 -15.31 -7.92 23.11
C ALA B 345 -16.17 -7.75 24.36
N LEU B 346 -16.44 -6.50 24.78
CA LEU B 346 -17.31 -6.19 25.93
C LEU B 346 -18.66 -6.85 25.70
N VAL B 347 -19.34 -6.52 24.61
CA VAL B 347 -20.75 -6.96 24.35
C VAL B 347 -20.82 -8.48 24.30
N ASP B 348 -19.78 -9.14 23.77
CA ASP B 348 -19.70 -10.63 23.72
C ASP B 348 -19.42 -11.19 25.12
N THR B 349 -18.58 -10.50 25.91
CA THR B 349 -18.34 -10.82 27.35
C THR B 349 -19.68 -10.79 28.08
N VAL B 350 -20.35 -9.63 28.08
CA VAL B 350 -21.57 -9.32 28.88
C VAL B 350 -22.77 -10.15 28.40
N PHE B 351 -23.25 -9.95 27.17
CA PHE B 351 -24.53 -10.54 26.67
C PHE B 351 -24.32 -11.89 25.97
N GLY B 352 -23.08 -12.35 25.78
CA GLY B 352 -22.81 -13.66 25.16
C GLY B 352 -22.27 -14.66 26.17
N ASN B 353 -22.00 -14.22 27.41
CA ASN B 353 -21.26 -14.97 28.47
C ASN B 353 -20.17 -15.82 27.81
N LYS B 354 -19.41 -15.21 26.90
CA LYS B 354 -18.22 -15.78 26.22
C LYS B 354 -17.07 -14.80 26.43
N PRO B 355 -16.49 -14.72 27.66
CA PRO B 355 -15.62 -13.61 28.03
C PRO B 355 -14.43 -13.44 27.07
N ARG B 356 -14.42 -12.34 26.32
CA ARG B 356 -13.37 -12.02 25.33
C ARG B 356 -12.75 -10.68 25.72
N LYS B 357 -11.44 -10.52 25.47
CA LYS B 357 -10.70 -9.29 25.78
C LYS B 357 -9.91 -8.83 24.56
N THR B 358 -9.69 -7.53 24.42
CA THR B 358 -8.92 -6.93 23.32
C THR B 358 -7.43 -7.17 23.57
N ASP B 359 -6.72 -7.61 22.54
CA ASP B 359 -5.25 -7.66 22.56
C ASP B 359 -4.71 -6.27 22.19
N HIS B 360 -4.10 -5.58 23.14
CA HIS B 360 -3.57 -4.20 22.92
C HIS B 360 -2.13 -4.27 22.41
N THR B 361 -1.53 -5.45 22.23
CA THR B 361 -0.15 -5.59 21.69
C THR B 361 -0.21 -5.80 20.17
N ARG B 362 0.87 -5.42 19.48
CA ARG B 362 1.07 -5.65 18.02
C ARG B 362 -0.10 -5.12 17.21
N VAL B 363 -0.69 -4.00 17.62
CA VAL B 363 -1.78 -3.27 16.95
C VAL B 363 -1.14 -2.42 15.85
N ALA B 364 -1.68 -2.44 14.62
CA ALA B 364 -1.10 -1.73 13.48
C ALA B 364 -1.67 -0.31 13.51
N SER B 365 -0.86 0.67 13.15
CA SER B 365 -1.24 2.09 13.24
C SER B 365 -0.44 2.82 12.19
N ALA B 366 -0.75 4.09 12.00
CA ALA B 366 -0.28 4.84 10.81
C ALA B 366 -0.27 6.32 11.17
N VAL B 367 0.61 7.09 10.53
CA VAL B 367 0.59 8.57 10.59
C VAL B 367 0.49 9.10 9.16
N PHE B 368 -0.55 9.88 8.86
CA PHE B 368 -0.88 10.36 7.49
C PHE B 368 -0.17 11.69 7.29
N SER B 369 1.09 11.73 7.73
CA SER B 369 2.11 12.75 7.38
C SER B 369 2.44 12.64 5.89
N ILE B 370 3.12 13.63 5.34
CA ILE B 370 3.71 13.59 3.98
C ILE B 370 5.23 13.60 4.17
N PRO B 371 5.95 12.49 3.90
CA PRO B 371 5.35 11.21 3.53
C PRO B 371 4.86 10.46 4.78
N PRO B 372 3.99 9.44 4.65
CA PRO B 372 3.35 8.81 5.81
C PRO B 372 4.15 7.68 6.47
N ILE B 373 3.64 7.22 7.62
CA ILE B 373 4.25 6.18 8.50
C ILE B 373 3.22 5.07 8.68
N GLY B 374 3.70 3.82 8.72
CA GLY B 374 2.91 2.65 9.12
C GLY B 374 3.73 1.79 10.06
N THR B 375 3.24 1.51 11.27
CA THR B 375 4.04 0.75 12.27
C THR B 375 3.20 -0.33 12.94
N CYS B 376 3.87 -1.36 13.45
CA CYS B 376 3.20 -2.46 14.19
C CYS B 376 4.19 -3.12 15.16
N GLY B 377 3.92 -3.06 16.46
CA GLY B 377 4.72 -3.71 17.52
C GLY B 377 5.85 -2.82 18.04
N LEU B 378 6.88 -3.42 18.63
CA LEU B 378 7.87 -2.72 19.50
C LEU B 378 8.89 -1.93 18.67
N ILE B 379 9.23 -0.72 19.11
CA ILE B 379 10.49 -0.06 18.71
C ILE B 379 11.67 -0.80 19.35
N GLU B 380 12.86 -0.68 18.75
CA GLU B 380 14.07 -1.46 19.11
C GLU B 380 14.48 -1.18 20.57
N GLU B 381 14.32 0.06 21.03
CA GLU B 381 14.66 0.50 22.41
C GLU B 381 13.85 -0.31 23.43
N VAL B 382 12.53 -0.40 23.23
CA VAL B 382 11.59 -1.13 24.12
C VAL B 382 11.89 -2.63 24.03
N ALA B 383 12.13 -3.12 22.81
CA ALA B 383 12.54 -4.52 22.58
C ALA B 383 13.83 -4.81 23.36
N ALA B 384 14.83 -3.92 23.29
CA ALA B 384 16.21 -4.10 23.82
C ALA B 384 16.16 -4.32 25.33
N LYS B 385 15.17 -3.71 26.01
CA LYS B 385 14.95 -3.80 27.47
C LYS B 385 14.26 -5.11 27.81
N GLU B 386 13.32 -5.58 26.98
CA GLU B 386 12.51 -6.80 27.25
C GLU B 386 13.19 -8.09 26.79
N PHE B 387 14.11 -8.05 25.82
CA PHE B 387 14.71 -9.26 25.22
C PHE B 387 16.24 -9.15 25.33
N GLU B 388 16.88 -10.27 25.64
CA GLU B 388 18.34 -10.37 25.92
C GLU B 388 19.14 -10.02 24.65
N LYS B 389 18.77 -10.56 23.49
CA LYS B 389 19.42 -10.27 22.18
C LYS B 389 18.37 -9.85 21.16
N VAL B 390 18.51 -8.64 20.62
CA VAL B 390 17.58 -8.10 19.60
C VAL B 390 18.39 -7.80 18.33
N ALA B 391 17.93 -8.32 17.20
CA ALA B 391 18.45 -7.98 15.86
C ALA B 391 17.54 -6.93 15.25
N VAL B 392 18.13 -5.96 14.54
CA VAL B 392 17.46 -4.88 13.79
C VAL B 392 17.87 -5.02 12.33
N TYR B 393 16.89 -5.15 11.44
CA TYR B 393 17.10 -5.16 9.98
C TYR B 393 16.65 -3.79 9.51
N MET B 394 17.46 -3.15 8.69
CA MET B 394 17.14 -1.77 8.23
C MET B 394 17.54 -1.60 6.77
N SER B 395 16.68 -0.93 6.01
CA SER B 395 16.85 -0.65 4.56
C SER B 395 16.23 0.69 4.27
N SER B 396 16.99 1.56 3.61
CA SER B 396 16.57 2.89 3.10
C SER B 396 16.83 2.90 1.58
N PHE B 397 15.90 3.44 0.80
CA PHE B 397 16.10 3.58 -0.65
CA PHE B 397 16.05 3.54 -0.67
C PHE B 397 15.16 4.67 -1.19
N THR B 398 15.52 5.22 -2.33
CA THR B 398 14.69 6.23 -3.02
C THR B 398 13.90 5.47 -4.04
N PRO B 399 12.57 5.32 -3.89
CA PRO B 399 11.75 4.72 -4.94
C PRO B 399 12.21 5.39 -6.24
N LEU B 400 12.31 4.61 -7.33
CA LEU B 400 12.99 5.06 -8.56
C LEU B 400 12.25 6.29 -9.10
N MET B 401 10.91 6.30 -8.98
CA MET B 401 10.04 7.43 -9.42
C MET B 401 10.53 8.76 -8.82
N HIS B 402 11.10 8.73 -7.60
CA HIS B 402 11.44 9.97 -6.84
C HIS B 402 12.78 10.52 -7.29
N ASN B 403 13.50 9.84 -8.19
CA ASN B 403 14.61 10.45 -8.97
C ASN B 403 13.96 11.44 -9.94
N ILE B 404 13.23 10.89 -10.89
CA ILE B 404 12.52 11.62 -12.00
C ILE B 404 11.64 12.74 -11.45
N SER B 405 10.93 12.52 -10.33
CA SER B 405 9.85 13.43 -9.85
C SER B 405 10.46 14.73 -9.36
N GLY B 406 11.71 14.67 -8.86
CA GLY B 406 12.44 15.84 -8.33
C GLY B 406 12.26 15.98 -6.83
N SER B 407 11.55 15.03 -6.21
CA SER B 407 11.40 14.82 -4.75
C SER B 407 12.42 13.77 -4.30
N LYS B 408 13.71 14.04 -4.52
CA LYS B 408 14.82 13.06 -4.29
C LYS B 408 14.96 12.75 -2.80
N TYR B 409 14.53 13.67 -1.93
CA TYR B 409 14.56 13.56 -0.44
C TYR B 409 13.62 12.44 0.05
N LYS B 410 12.60 12.09 -0.73
CA LYS B 410 11.54 11.11 -0.33
C LYS B 410 12.15 9.70 -0.20
N LYS B 411 12.99 9.49 0.83
CA LYS B 411 13.57 8.15 1.13
C LYS B 411 12.49 7.28 1.77
N PHE B 412 12.32 6.05 1.30
CA PHE B 412 11.49 5.00 1.95
C PHE B 412 12.35 4.23 2.96
N VAL B 413 11.89 4.08 4.21
CA VAL B 413 12.63 3.34 5.27
C VAL B 413 11.80 2.15 5.73
N ALA B 414 12.46 1.02 5.90
CA ALA B 414 11.91 -0.27 6.38
C ALA B 414 12.82 -0.82 7.48
N LYS B 415 12.24 -1.04 8.64
CA LYS B 415 12.92 -1.64 9.82
C LYS B 415 12.08 -2.82 10.32
N ILE B 416 12.75 -3.94 10.55
CA ILE B 416 12.20 -5.10 11.28
C ILE B 416 13.08 -5.30 12.54
N VAL B 417 12.42 -5.34 13.71
CA VAL B 417 13.05 -5.64 15.01
C VAL B 417 12.65 -7.07 15.38
N THR B 418 13.64 -7.91 15.70
CA THR B 418 13.42 -9.35 16.00
C THR B 418 13.98 -9.69 17.39
N ASN B 419 13.39 -10.71 18.01
CA ASN B 419 14.04 -11.50 19.09
C ASN B 419 15.04 -12.42 18.42
N HIS B 420 16.33 -12.10 18.47
CA HIS B 420 17.40 -12.82 17.72
C HIS B 420 17.46 -14.31 18.10
N SER B 421 16.94 -14.71 19.26
CA SER B 421 17.00 -16.13 19.73
C SER B 421 16.22 -17.06 18.81
N ASP B 422 14.99 -16.69 18.43
CA ASP B 422 14.12 -17.51 17.56
C ASP B 422 13.81 -16.81 16.23
N GLY B 423 14.34 -15.59 16.00
CA GLY B 423 14.00 -14.77 14.82
C GLY B 423 12.53 -14.34 14.77
N THR B 424 11.79 -14.40 15.88
CA THR B 424 10.41 -13.90 16.00
C THR B 424 10.41 -12.38 15.78
N VAL B 425 9.58 -11.90 14.87
CA VAL B 425 9.45 -10.46 14.53
C VAL B 425 8.66 -9.74 15.64
N LEU B 426 9.30 -8.80 16.32
CA LEU B 426 8.73 -8.01 17.43
C LEU B 426 8.05 -6.74 16.90
N GLY B 427 8.60 -6.14 15.83
CA GLY B 427 8.11 -4.86 15.30
C GLY B 427 8.57 -4.58 13.86
N VAL B 428 7.77 -3.80 13.14
CA VAL B 428 7.95 -3.45 11.69
C VAL B 428 7.58 -1.97 11.57
N HIS B 429 8.51 -1.12 11.15
CA HIS B 429 8.38 0.36 11.13
C HIS B 429 8.73 0.87 9.73
N LEU B 430 7.77 1.56 9.08
CA LEU B 430 7.81 1.95 7.65
C LEU B 430 7.55 3.45 7.49
N LEU B 431 8.36 4.11 6.66
CA LEU B 431 8.21 5.53 6.27
C LEU B 431 8.22 5.58 4.76
N GLY B 432 7.13 6.01 4.13
CA GLY B 432 7.09 6.41 2.71
C GLY B 432 5.71 6.12 2.13
N ASP B 433 5.46 6.57 0.90
CA ASP B 433 4.16 6.36 0.21
C ASP B 433 3.78 4.88 0.33
N GLY B 434 2.58 4.65 0.84
CA GLY B 434 1.94 3.33 0.88
C GLY B 434 2.08 2.64 2.22
N ALA B 435 3.03 3.08 3.07
CA ALA B 435 3.28 2.56 4.44
C ALA B 435 1.99 2.22 5.18
N PRO B 436 0.95 3.08 5.20
CA PRO B 436 -0.26 2.78 5.98
C PRO B 436 -0.95 1.53 5.44
N GLU B 437 -0.87 1.30 4.12
CA GLU B 437 -1.49 0.16 3.43
C GLU B 437 -0.59 -1.07 3.57
N ILE B 438 0.73 -0.91 3.48
CA ILE B 438 1.68 -2.06 3.62
C ILE B 438 1.49 -2.76 4.98
N ILE B 439 1.31 -1.99 6.06
CA ILE B 439 1.42 -2.47 7.48
C ILE B 439 0.19 -3.29 7.91
N GLN B 440 -0.97 -3.09 7.28
CA GLN B 440 -2.20 -3.79 7.70
C GLN B 440 -1.91 -5.29 7.79
N ALA B 441 -1.54 -5.90 6.68
CA ALA B 441 -1.36 -7.37 6.62
C ALA B 441 -0.12 -7.77 7.44
N VAL B 442 0.86 -6.88 7.66
CA VAL B 442 2.02 -7.14 8.58
C VAL B 442 1.43 -7.40 9.97
N GLY B 443 0.35 -6.69 10.30
CA GLY B 443 -0.43 -6.87 11.53
C GLY B 443 -0.79 -8.35 11.69
N VAL B 444 -1.32 -8.97 10.64
CA VAL B 444 -1.73 -10.40 10.67
C VAL B 444 -0.49 -11.29 10.78
N CYS B 445 0.62 -10.89 10.16
CA CYS B 445 1.90 -11.66 10.23
C CYS B 445 2.33 -11.70 11.69
N LEU B 446 2.33 -10.56 12.39
CA LEU B 446 2.79 -10.53 13.81
C LEU B 446 1.81 -11.34 14.67
N ARG B 447 0.52 -11.36 14.31
CA ARG B 447 -0.51 -12.18 15.01
C ARG B 447 -0.14 -13.66 14.89
N LEU B 448 0.46 -14.05 13.76
CA LEU B 448 0.83 -15.46 13.49
C LEU B 448 2.25 -15.73 13.97
N ASN B 449 2.86 -14.83 14.72
CA ASN B 449 4.21 -15.00 15.31
C ASN B 449 5.23 -15.19 14.20
N ALA B 450 5.08 -14.44 13.10
CA ALA B 450 5.99 -14.53 11.95
C ALA B 450 7.43 -14.29 12.43
N LYS B 451 8.36 -15.07 11.87
CA LYS B 451 9.83 -14.95 12.06
C LYS B 451 10.39 -14.21 10.86
N ILE B 452 11.58 -13.65 11.00
CA ILE B 452 12.24 -12.85 9.91
C ILE B 452 12.39 -13.75 8.69
N SER B 453 12.50 -15.08 8.87
CA SER B 453 12.74 -16.03 7.79
C SER B 453 11.47 -16.20 6.97
N ASP B 454 10.31 -15.98 7.57
CA ASP B 454 9.01 -16.01 6.87
C ASP B 454 8.94 -14.80 5.96
N PHE B 455 9.58 -13.69 6.33
CA PHE B 455 9.58 -12.48 5.46
C PHE B 455 10.51 -12.71 4.27
N TYR B 456 11.78 -13.06 4.50
CA TYR B 456 12.76 -13.17 3.38
C TYR B 456 12.54 -14.44 2.56
N ASN B 457 11.74 -15.41 3.00
CA ASN B 457 11.46 -16.58 2.13
C ASN B 457 10.13 -16.38 1.41
N THR B 458 9.46 -15.25 1.58
CA THR B 458 8.31 -14.92 0.70
C THR B 458 8.87 -14.22 -0.55
N ILE B 459 8.41 -14.60 -1.74
CA ILE B 459 8.87 -13.98 -3.02
C ILE B 459 8.24 -12.58 -3.08
N GLY B 460 9.05 -11.56 -3.37
CA GLY B 460 8.61 -10.17 -3.58
C GLY B 460 7.60 -10.01 -4.70
N VAL B 461 6.83 -8.93 -4.61
CA VAL B 461 6.07 -8.30 -5.72
C VAL B 461 6.89 -7.13 -6.23
N HIS B 462 7.20 -7.12 -7.52
CA HIS B 462 8.16 -6.17 -8.12
C HIS B 462 7.44 -5.46 -9.25
N PRO B 463 7.64 -4.11 -9.41
CA PRO B 463 8.29 -3.27 -8.40
C PRO B 463 7.36 -2.61 -7.38
N THR B 464 7.66 -2.79 -6.08
CA THR B 464 6.89 -2.19 -4.95
C THR B 464 7.89 -1.73 -3.87
N SER B 465 7.47 -0.92 -2.92
CA SER B 465 8.30 -0.58 -1.73
C SER B 465 8.20 -1.68 -0.70
N ALA B 466 7.04 -2.35 -0.67
CA ALA B 466 6.68 -3.44 0.25
C ALA B 466 7.69 -4.59 0.16
N GLU B 467 8.13 -4.95 -1.04
CA GLU B 467 9.08 -6.07 -1.26
C GLU B 467 10.37 -5.81 -0.46
N GLU B 468 10.70 -4.58 -0.11
CA GLU B 468 11.92 -4.39 0.74
C GLU B 468 11.84 -5.26 2.00
N LEU B 469 10.65 -5.46 2.55
CA LEU B 469 10.42 -6.27 3.77
C LEU B 469 10.81 -7.74 3.61
N CYS B 470 10.94 -8.22 2.38
CA CYS B 470 11.17 -9.66 2.06
C CYS B 470 12.63 -9.77 1.56
N SER B 471 13.38 -8.66 1.59
CA SER B 471 14.72 -8.50 0.97
C SER B 471 15.81 -8.29 2.03
N MET B 472 15.53 -8.54 3.31
CA MET B 472 16.45 -8.26 4.44
C MET B 472 16.69 -9.57 5.22
N ARG B 473 17.90 -10.12 5.05
CA ARG B 473 18.28 -11.47 5.55
C ARG B 473 19.34 -11.32 6.65
N THR B 474 20.15 -10.26 6.61
CA THR B 474 21.26 -10.03 7.57
C THR B 474 20.91 -8.88 8.51
N PRO B 475 21.00 -9.08 9.84
CA PRO B 475 20.89 -7.97 10.79
C PRO B 475 21.88 -6.86 10.42
N SER B 476 21.45 -5.61 10.61
CA SER B 476 22.27 -4.38 10.40
C SER B 476 23.08 -4.12 11.66
N TYR B 477 22.42 -4.22 12.82
CA TYR B 477 23.08 -4.19 14.15
C TYR B 477 22.19 -4.95 15.15
N TYR B 478 22.67 -5.07 16.39
CA TYR B 478 22.03 -5.85 17.47
C TYR B 478 21.96 -5.00 18.74
N TYR B 479 21.13 -5.45 19.67
CA TYR B 479 21.10 -5.01 21.08
C TYR B 479 21.31 -6.24 21.96
N VAL B 480 22.49 -6.35 22.58
CA VAL B 480 22.84 -7.45 23.52
C VAL B 480 22.72 -6.90 24.94
N LYS B 481 21.82 -7.49 25.73
CA LYS B 481 21.47 -7.03 27.09
C LYS B 481 21.41 -5.49 27.15
N GLY B 482 20.72 -4.85 26.19
CA GLY B 482 20.45 -3.39 26.18
C GLY B 482 21.49 -2.60 25.41
N GLU B 483 22.68 -3.19 25.18
CA GLU B 483 23.86 -2.50 24.59
C GLU B 483 23.89 -2.73 23.08
N LYS B 484 24.06 -1.65 22.31
CA LYS B 484 24.12 -1.67 20.82
C LYS B 484 25.48 -2.20 20.36
N MET B 485 25.53 -2.72 19.12
CA MET B 485 26.77 -3.15 18.43
C MET B 485 26.42 -3.62 17.01
N GLU B 486 27.39 -3.55 16.10
CA GLU B 486 27.26 -3.96 14.67
C GLU B 486 27.20 -5.48 14.57
N LYS B 487 27.98 -6.19 15.40
CA LYS B 487 28.17 -7.67 15.33
C LYS B 487 27.90 -8.26 16.71
N LEU B 488 27.67 -9.57 16.79
CA LEU B 488 27.53 -10.30 18.08
C LEU B 488 28.92 -10.64 18.59
N PRO B 489 29.15 -10.63 19.92
CA PRO B 489 30.46 -11.00 20.48
C PRO B 489 30.71 -12.52 20.47
N ASP B 490 31.87 -12.95 19.93
CA ASP B 490 32.31 -14.38 19.86
C ASP B 490 32.98 -14.77 21.18
#